data_7C66
#
_entry.id   7C66
#
_cell.length_a   64.240
_cell.length_b   110.820
_cell.length_c   110.910
_cell.angle_alpha   90.000
_cell.angle_beta   90.000
_cell.angle_gamma   90.000
#
_symmetry.space_group_name_H-M   'P 21 21 21'
#
loop_
_entity.id
_entity.type
_entity.pdbx_description
1 polymer 'Sugar ABC transporter, periplasmic sugar-binding protein'
2 branched beta-D-glucopyranose-(1-4)-alpha-D-glucopyranose
3 non-polymer 'CHLORIDE ION'
4 non-polymer 'SULFITE ION'
5 non-polymer 1,2-ETHANEDIOL
6 non-polymer DI(HYDROXYETHYL)ETHER
7 non-polymer 'SULFUR DIOXIDE'
8 water water
#
_entity_poly.entity_id   1
_entity_poly.type   'polypeptide(L)'
_entity_poly.pdbx_seq_one_letter_code
;MQKTLEVWIMPNSPQPAEDFKALVAPFEKAHGVEVKVTVLDWGVAWTKITTAATSGVGPDLTQLGTTWVGAISAMGVLEP
VDDVLEALGGEKAYLPAVWRTTRLEGARQATAVPWFSELRAFYYRTDALKAAGVNPAEMFASWQGFEAGLARLKASSFRD
PETKAPLAPLCTPGKNSWDVLHNAAPWIWGAGGEIVRQAGGRWQSALNSPESLEGLYFFLSLAQKGYVPAESLEKNTAQI
EADFQAGKCAVFASGPWMIQRAQVPEAKGGFAERTAAKNLGVAPYPAGPKGRYTFFGGSNLALFNFSKNKPLAKELLKYL
GGPEAQVRYAQMTGMLPALRSAWSDPSFQQNPLLRTFIQAAQFGRTYPSLAGWGGVENLAVQHLGMAWDLVAQGRLTREA
LKDLMDKASAAINQALRHHHHHH
;
_entity_poly.pdbx_strand_id   A,B
#
loop_
_chem_comp.id
_chem_comp.type
_chem_comp.name
_chem_comp.formula
BGC D-saccharide, beta linking beta-D-glucopyranose 'C6 H12 O6'
CL non-polymer 'CHLORIDE ION' 'Cl -1'
EDO non-polymer 1,2-ETHANEDIOL 'C2 H6 O2'
GLC D-saccharide, alpha linking alpha-D-glucopyranose 'C6 H12 O6'
PEG non-polymer DI(HYDROXYETHYL)ETHER 'C4 H10 O3'
SO2 non-polymer 'SULFUR DIOXIDE' 'O2 S'
SO3 non-polymer 'SULFITE ION' 'O3 S -2'
#
# COMPACT_ATOMS: atom_id res chain seq x y z
N GLN A 2 11.08 21.48 27.92
CA GLN A 2 11.78 20.31 27.21
C GLN A 2 11.42 20.32 25.70
N LYS A 3 12.31 20.86 24.85
CA LYS A 3 12.00 21.30 23.47
C LYS A 3 11.68 20.07 22.62
N THR A 4 10.69 20.20 21.73
CA THR A 4 10.17 19.09 20.90
C THR A 4 10.15 19.47 19.41
N LEU A 5 10.27 18.49 18.52
CA LEU A 5 10.06 18.66 17.07
C LEU A 5 9.23 17.48 16.61
N GLU A 6 8.33 17.75 15.67
CA GLU A 6 7.59 16.69 14.99
C GLU A 6 8.02 16.73 13.52
N VAL A 7 8.34 15.55 12.98
CA VAL A 7 8.82 15.30 11.60
C VAL A 7 8.01 14.15 11.02
N TRP A 8 7.52 14.39 9.80
CA TRP A 8 6.79 13.45 8.96
C TRP A 8 7.76 13.01 7.90
N ILE A 9 7.86 11.69 7.70
CA ILE A 9 8.71 11.03 6.68
C ILE A 9 7.91 9.93 6.00
N MET A 10 8.31 9.57 4.78
CA MET A 10 7.75 8.44 3.99
C MET A 10 8.61 7.23 4.28
N PRO A 11 8.26 5.98 3.95
CA PRO A 11 9.10 4.82 4.31
C PRO A 11 10.34 4.65 3.40
N ASN A 12 11.36 5.46 3.61
CA ASN A 12 12.59 5.55 2.79
C ASN A 12 13.52 4.34 3.04
N SER A 13 13.44 3.69 4.19
CA SER A 13 14.31 2.52 4.54
C SER A 13 13.44 1.41 5.11
N PRO A 14 13.92 0.17 5.31
CA PRO A 14 13.04 -0.92 5.75
C PRO A 14 12.49 -0.76 7.19
N GLN A 15 13.20 -0.07 8.07
CA GLN A 15 12.66 0.28 9.42
C GLN A 15 12.71 1.80 9.57
N PRO A 16 11.78 2.53 8.92
CA PRO A 16 11.96 3.95 8.65
C PRO A 16 12.13 4.84 9.90
N ALA A 17 11.28 4.67 10.90
CA ALA A 17 11.25 5.50 12.13
C ALA A 17 12.53 5.25 12.92
N GLU A 18 12.91 3.99 13.05
CA GLU A 18 14.13 3.52 13.77
C GLU A 18 15.38 4.10 13.09
N ASP A 19 15.44 4.01 11.76
CA ASP A 19 16.61 4.51 11.02
C ASP A 19 16.65 6.03 11.18
N PHE A 20 15.48 6.70 11.16
CA PHE A 20 15.42 8.17 11.24
C PHE A 20 15.87 8.60 12.64
N LYS A 21 15.50 7.85 13.69
CA LYS A 21 15.86 8.19 15.11
C LYS A 21 17.38 8.02 15.28
N ALA A 22 17.94 6.94 14.77
CA ALA A 22 19.42 6.77 14.79
C ALA A 22 20.08 7.98 14.07
N LEU A 23 19.52 8.47 12.95
CA LEU A 23 20.11 9.58 12.13
C LEU A 23 20.17 10.86 12.96
N VAL A 24 19.09 11.17 13.69
CA VAL A 24 18.98 12.45 14.44
C VAL A 24 19.53 12.31 15.88
N ALA A 25 19.89 11.12 16.35
CA ALA A 25 20.38 10.94 17.75
C ALA A 25 21.43 12.01 18.08
N PRO A 26 22.49 12.21 17.25
CA PRO A 26 23.53 13.17 17.59
C PRO A 26 22.96 14.58 17.80
N PHE A 27 21.98 14.96 16.98
CA PHE A 27 21.38 16.30 17.01
C PHE A 27 20.54 16.45 18.29
N GLU A 28 19.83 15.39 18.66
CA GLU A 28 19.04 15.35 19.91
C GLU A 28 19.96 15.55 21.14
N LYS A 29 21.13 14.89 21.16
CA LYS A 29 22.14 14.97 22.25
C LYS A 29 22.71 16.40 22.34
N ALA A 30 23.04 17.04 21.21
CA ALA A 30 23.76 18.35 21.16
C ALA A 30 22.83 19.50 21.58
N HIS A 31 21.52 19.37 21.31
CA HIS A 31 20.50 20.42 21.51
C HIS A 31 19.52 20.09 22.64
N GLY A 32 19.53 18.88 23.19
CA GLY A 32 18.58 18.51 24.25
C GLY A 32 17.13 18.52 23.79
N VAL A 33 16.87 18.19 22.53
CA VAL A 33 15.48 18.15 22.00
C VAL A 33 15.15 16.69 21.66
N GLU A 34 13.90 16.31 21.81
CA GLU A 34 13.41 14.98 21.32
C GLU A 34 12.68 15.20 19.99
N VAL A 35 13.11 14.50 18.95
CA VAL A 35 12.50 14.60 17.60
C VAL A 35 11.48 13.44 17.47
N LYS A 36 10.20 13.77 17.33
CA LYS A 36 9.15 12.75 17.10
C LYS A 36 9.00 12.57 15.58
N VAL A 37 9.07 11.34 15.13
CA VAL A 37 8.92 10.99 13.71
C VAL A 37 7.60 10.21 13.57
N THR A 38 6.85 10.56 12.52
CA THR A 38 5.67 9.83 12.04
C THR A 38 5.91 9.43 10.59
N VAL A 39 5.68 8.15 10.29
CA VAL A 39 5.82 7.51 8.97
C VAL A 39 4.46 7.55 8.28
N LEU A 40 4.45 8.14 7.07
CA LEU A 40 3.31 8.24 6.13
C LEU A 40 3.67 7.40 4.93
N ASP A 41 2.91 6.34 4.64
CA ASP A 41 3.05 5.61 3.37
C ASP A 41 2.90 6.57 2.19
N TRP A 42 3.60 6.29 1.09
CA TRP A 42 3.52 7.14 -0.12
C TRP A 42 2.07 7.26 -0.58
N GLY A 43 1.27 6.19 -0.52
CA GLY A 43 -0.08 6.23 -1.06
C GLY A 43 -1.00 7.18 -0.33
N VAL A 44 -0.71 7.55 0.95
CA VAL A 44 -1.60 8.46 1.74
C VAL A 44 -0.87 9.79 2.03
N ALA A 45 0.39 9.95 1.61
CA ALA A 45 1.15 11.14 2.01
C ALA A 45 0.55 12.38 1.36
N TRP A 46 0.03 12.29 0.13
CA TRP A 46 -0.52 13.49 -0.54
C TRP A 46 -1.72 13.93 0.32
N THR A 47 -2.62 13.00 0.63
CA THR A 47 -3.83 13.29 1.46
C THR A 47 -3.47 13.98 2.77
N LYS A 48 -2.50 13.43 3.50
CA LYS A 48 -2.12 13.88 4.88
C LYS A 48 -1.36 15.20 4.76
N ILE A 49 -0.52 15.36 3.74
CA ILE A 49 0.23 16.66 3.66
C ILE A 49 -0.73 17.79 3.26
N THR A 50 -1.62 17.59 2.28
CA THR A 50 -2.59 18.64 1.84
C THR A 50 -3.58 18.96 2.95
N THR A 51 -3.97 17.98 3.78
CA THR A 51 -4.85 18.26 4.94
C THR A 51 -4.09 19.13 5.96
N ALA A 52 -2.81 18.87 6.23
CA ALA A 52 -1.99 19.70 7.15
C ALA A 52 -1.91 21.13 6.62
N ALA A 53 -1.66 21.29 5.33
CA ALA A 53 -1.65 22.61 4.65
C ALA A 53 -2.98 23.36 4.82
N THR A 54 -4.10 22.72 4.48
CA THR A 54 -5.44 23.36 4.53
C THR A 54 -5.83 23.61 5.99
N SER A 55 -5.50 22.73 6.93
CA SER A 55 -6.00 22.90 8.33
C SER A 55 -5.08 23.81 9.14
N GLY A 56 -3.83 24.05 8.73
CA GLY A 56 -2.85 24.74 9.61
C GLY A 56 -2.45 23.93 10.85
N VAL A 57 -2.69 22.63 10.85
CA VAL A 57 -2.30 21.69 11.94
C VAL A 57 -1.46 20.56 11.32
N GLY A 58 -0.23 20.38 11.80
CA GLY A 58 0.68 19.35 11.30
C GLY A 58 2.00 19.33 12.05
N PRO A 59 3.09 18.89 11.40
CA PRO A 59 4.40 18.79 12.06
C PRO A 59 5.14 20.12 11.88
N ASP A 60 6.39 20.16 12.34
CA ASP A 60 7.36 21.24 12.13
C ASP A 60 7.92 21.03 10.73
N LEU A 61 8.49 19.86 10.47
CA LEU A 61 9.00 19.48 9.14
C LEU A 61 8.21 18.30 8.55
N THR A 62 8.16 18.30 7.21
CA THR A 62 7.70 17.16 6.42
C THR A 62 8.69 16.87 5.32
N GLN A 63 8.88 15.57 5.07
CA GLN A 63 9.42 15.11 3.79
C GLN A 63 8.42 15.54 2.72
N LEU A 64 8.92 15.94 1.56
CA LEU A 64 8.15 16.25 0.32
C LEU A 64 8.90 15.64 -0.84
N GLY A 65 8.25 14.80 -1.61
CA GLY A 65 8.79 14.37 -2.90
C GLY A 65 9.16 15.60 -3.72
N THR A 66 10.28 15.57 -4.41
CA THR A 66 10.78 16.68 -5.23
C THR A 66 9.66 17.19 -6.13
N THR A 67 8.77 16.34 -6.64
CA THR A 67 7.74 16.73 -7.64
C THR A 67 6.56 17.45 -6.96
N TRP A 68 6.50 17.43 -5.62
CA TRP A 68 5.42 18.06 -4.83
C TRP A 68 5.84 19.41 -4.28
N VAL A 69 7.13 19.77 -4.37
CA VAL A 69 7.61 20.98 -3.63
C VAL A 69 6.83 22.24 -4.13
N GLY A 70 6.73 22.46 -5.43
CA GLY A 70 6.03 23.59 -6.01
C GLY A 70 4.55 23.62 -5.62
N ALA A 71 3.91 22.45 -5.66
CA ALA A 71 2.49 22.26 -5.29
C ALA A 71 2.24 22.66 -3.83
N ILE A 72 3.06 22.20 -2.88
CA ILE A 72 2.80 22.58 -1.47
C ILE A 72 3.19 24.05 -1.31
N SER A 73 4.25 24.51 -1.96
CA SER A 73 4.71 25.92 -1.81
C SER A 73 3.60 26.90 -2.26
N ALA A 74 2.90 26.54 -3.32
CA ALA A 74 1.87 27.38 -3.95
C ALA A 74 0.63 27.36 -3.07
N MET A 75 0.51 26.49 -2.07
CA MET A 75 -0.61 26.60 -1.09
C MET A 75 -0.29 27.67 -0.01
N GLY A 76 0.86 28.34 -0.02
CA GLY A 76 1.20 29.44 0.92
C GLY A 76 1.55 28.93 2.32
N VAL A 77 2.03 27.68 2.47
CA VAL A 77 2.15 27.12 3.85
C VAL A 77 3.59 26.84 4.21
N LEU A 78 4.55 27.03 3.31
CA LEU A 78 5.96 26.68 3.61
C LEU A 78 6.79 27.95 3.96
N GLU A 79 7.64 27.82 4.98
CA GLU A 79 8.67 28.79 5.39
C GLU A 79 9.77 28.86 4.31
N PRO A 80 10.25 30.08 3.96
CA PRO A 80 11.45 30.24 3.18
C PRO A 80 12.65 29.65 3.92
N VAL A 81 13.52 28.99 3.18
CA VAL A 81 14.73 28.32 3.72
C VAL A 81 15.99 28.75 2.94
N ASP A 82 16.00 29.92 2.31
CA ASP A 82 17.23 30.46 1.66
C ASP A 82 18.41 30.52 2.65
N ASP A 83 18.19 30.89 3.91
CA ASP A 83 19.26 30.97 4.94
C ASP A 83 19.90 29.59 5.11
N VAL A 84 19.12 28.53 5.23
CA VAL A 84 19.64 27.14 5.42
C VAL A 84 20.47 26.74 4.19
N LEU A 85 19.99 27.03 2.98
CA LEU A 85 20.66 26.56 1.73
C LEU A 85 21.95 27.36 1.55
N GLU A 86 21.93 28.67 1.85
CA GLU A 86 23.13 29.55 1.87
C GLU A 86 24.15 28.91 2.80
N ALA A 87 23.77 28.53 4.02
CA ALA A 87 24.68 27.91 5.02
C ALA A 87 25.17 26.54 4.54
N LEU A 88 24.39 25.79 3.75
CA LEU A 88 24.86 24.48 3.23
C LEU A 88 25.80 24.68 2.02
N GLY A 89 26.00 25.92 1.54
CA GLY A 89 26.94 26.26 0.43
C GLY A 89 26.25 26.79 -0.83
N GLY A 90 24.92 26.90 -0.82
CA GLY A 90 24.19 27.65 -1.85
C GLY A 90 24.02 26.88 -3.13
N GLU A 91 23.72 27.57 -4.23
CA GLU A 91 23.43 26.97 -5.56
C GLU A 91 24.57 26.06 -6.00
N LYS A 92 25.80 26.40 -5.63
CA LYS A 92 26.98 25.64 -6.14
C LYS A 92 27.08 24.27 -5.43
N ALA A 93 26.47 24.06 -4.27
CA ALA A 93 26.66 22.79 -3.53
C ALA A 93 25.70 21.73 -4.10
N TYR A 94 24.91 22.05 -5.13
CA TYR A 94 23.85 21.15 -5.64
C TYR A 94 23.91 21.00 -7.18
N LEU A 95 23.72 19.76 -7.66
CA LEU A 95 23.28 19.46 -9.06
C LEU A 95 22.19 20.45 -9.42
N PRO A 96 22.29 21.14 -10.59
CA PRO A 96 21.23 22.05 -11.04
C PRO A 96 19.82 21.48 -10.91
N ALA A 97 19.65 20.18 -11.21
CA ALA A 97 18.33 19.50 -11.23
C ALA A 97 17.79 19.45 -9.81
N VAL A 98 18.67 19.23 -8.85
CA VAL A 98 18.34 19.19 -7.39
C VAL A 98 17.97 20.61 -6.94
N TRP A 99 18.78 21.61 -7.29
CA TRP A 99 18.54 23.04 -6.95
C TRP A 99 17.14 23.48 -7.41
N ARG A 100 16.69 23.04 -8.59
CA ARG A 100 15.35 23.44 -9.12
C ARG A 100 14.21 22.85 -8.26
N THR A 101 14.45 21.80 -7.46
CA THR A 101 13.42 21.16 -6.59
C THR A 101 13.28 21.90 -5.27
N THR A 102 14.10 22.90 -4.99
CA THR A 102 14.04 23.71 -3.76
C THR A 102 12.91 24.74 -3.82
N ARG A 103 12.23 24.92 -4.94
CA ARG A 103 11.22 26.00 -5.00
C ARG A 103 10.16 25.65 -6.03
N LEU A 104 9.07 26.42 -5.94
CA LEU A 104 8.07 26.56 -7.02
C LEU A 104 8.77 27.28 -8.18
N GLU A 105 8.58 26.77 -9.39
CA GLU A 105 9.18 27.40 -10.61
C GLU A 105 8.92 28.89 -10.60
N GLY A 106 9.95 29.72 -10.71
CA GLY A 106 9.78 31.18 -10.86
C GLY A 106 9.57 31.90 -9.53
N ALA A 107 9.60 31.20 -8.38
CA ALA A 107 9.45 31.85 -7.05
C ALA A 107 10.78 32.48 -6.64
N ARG A 108 10.73 33.61 -5.93
CA ARG A 108 11.93 34.31 -5.39
C ARG A 108 12.57 33.41 -4.31
N GLN A 109 11.77 32.84 -3.42
CA GLN A 109 12.31 32.20 -2.20
C GLN A 109 12.27 30.67 -2.34
N ALA A 110 13.35 30.01 -1.97
CA ALA A 110 13.42 28.55 -1.77
C ALA A 110 12.55 28.20 -0.57
N THR A 111 11.82 27.08 -0.68
CA THR A 111 10.83 26.55 0.30
C THR A 111 11.08 25.07 0.64
N ALA A 112 12.17 24.45 0.17
CA ALA A 112 12.54 23.08 0.63
C ALA A 112 14.05 22.87 0.52
N VAL A 113 14.57 22.05 1.43
CA VAL A 113 16.00 21.69 1.49
C VAL A 113 16.19 20.29 0.92
N PRO A 114 17.15 20.08 -0.01
CA PRO A 114 17.37 18.75 -0.56
C PRO A 114 17.81 17.73 0.50
N TRP A 115 17.20 16.53 0.49
CA TRP A 115 17.50 15.50 1.50
C TRP A 115 18.17 14.31 0.82
N PHE A 116 17.50 13.71 -0.16
CA PHE A 116 18.10 12.59 -0.91
C PHE A 116 17.61 12.62 -2.36
N SER A 117 18.42 12.00 -3.19
CA SER A 117 18.19 11.84 -4.65
C SER A 117 18.00 10.36 -4.96
N GLU A 118 17.40 10.13 -6.09
CA GLU A 118 16.76 8.88 -6.47
C GLU A 118 16.60 8.97 -7.99
N LEU A 119 17.04 7.97 -8.75
CA LEU A 119 16.62 7.87 -10.14
C LEU A 119 16.46 6.41 -10.50
N ARG A 120 15.88 6.18 -11.67
CA ARG A 120 15.37 4.86 -12.09
C ARG A 120 16.34 4.18 -13.09
N ALA A 121 16.41 2.85 -12.94
CA ALA A 121 17.14 1.90 -13.81
C ALA A 121 16.44 0.57 -13.75
N PHE A 122 16.87 -0.36 -14.58
CA PHE A 122 16.35 -1.76 -14.62
C PHE A 122 17.22 -2.70 -13.79
N TYR A 123 16.65 -3.27 -12.74
CA TYR A 123 17.19 -4.46 -12.07
C TYR A 123 16.84 -5.64 -12.97
N TYR A 124 17.78 -6.55 -13.15
CA TYR A 124 17.53 -7.84 -13.79
C TYR A 124 18.19 -8.98 -13.02
N ARG A 125 17.71 -10.18 -13.28
CA ARG A 125 18.23 -11.48 -12.80
C ARG A 125 19.34 -11.90 -13.73
N THR A 126 20.59 -11.83 -13.27
CA THR A 126 21.76 -12.35 -14.01
C THR A 126 21.47 -13.80 -14.44
N ASP A 127 20.94 -14.66 -13.56
CA ASP A 127 20.80 -16.10 -13.88
C ASP A 127 19.74 -16.28 -14.98
N ALA A 128 18.67 -15.52 -14.93
CA ALA A 128 17.61 -15.54 -15.95
C ALA A 128 18.15 -15.03 -17.28
N LEU A 129 18.83 -13.89 -17.35
CA LEU A 129 19.25 -13.36 -18.66
C LEU A 129 20.25 -14.35 -19.27
N LYS A 130 21.10 -14.97 -18.45
CA LYS A 130 22.11 -15.94 -18.94
C LYS A 130 21.39 -17.18 -19.51
N ALA A 131 20.40 -17.74 -18.81
CA ALA A 131 19.70 -18.95 -19.29
C ALA A 131 18.96 -18.64 -20.58
N ALA A 132 18.57 -17.38 -20.79
CA ALA A 132 17.73 -17.00 -21.94
C ALA A 132 18.63 -16.67 -23.14
N GLY A 133 19.95 -16.69 -22.93
CA GLY A 133 20.96 -16.21 -23.88
C GLY A 133 20.86 -14.70 -24.12
N VAL A 134 20.54 -13.88 -23.13
CA VAL A 134 20.42 -12.42 -23.36
C VAL A 134 21.71 -11.69 -22.95
N ASN A 135 22.20 -10.85 -23.83
CA ASN A 135 23.32 -9.91 -23.58
C ASN A 135 22.71 -8.65 -22.95
N PRO A 136 22.90 -8.41 -21.64
CA PRO A 136 22.34 -7.24 -20.98
C PRO A 136 22.69 -5.95 -21.72
N ALA A 137 23.93 -5.83 -22.16
CA ALA A 137 24.41 -4.64 -22.92
C ALA A 137 23.54 -4.37 -24.16
N GLU A 138 23.10 -5.39 -24.87
CA GLU A 138 22.24 -5.23 -26.08
C GLU A 138 20.79 -4.97 -25.67
N MET A 139 20.32 -5.67 -24.64
CA MET A 139 18.91 -5.58 -24.20
C MET A 139 18.63 -4.15 -23.72
N PHE A 140 19.53 -3.55 -22.92
CA PHE A 140 19.26 -2.21 -22.31
C PHE A 140 19.84 -1.07 -23.18
N ALA A 141 20.22 -1.34 -24.43
CA ALA A 141 20.79 -0.28 -25.31
C ALA A 141 19.67 0.47 -26.05
N SER A 142 18.56 -0.18 -26.42
CA SER A 142 17.55 0.45 -27.33
C SER A 142 16.19 -0.18 -27.11
N TRP A 143 15.13 0.45 -27.61
CA TRP A 143 13.77 -0.11 -27.52
C TRP A 143 13.78 -1.49 -28.19
N GLN A 144 14.31 -1.57 -29.42
CA GLN A 144 14.34 -2.82 -30.21
C GLN A 144 15.06 -3.87 -29.37
N GLY A 145 16.23 -3.54 -28.83
CA GLY A 145 17.01 -4.43 -27.95
C GLY A 145 16.17 -4.88 -26.75
N PHE A 146 15.50 -3.93 -26.11
CA PHE A 146 14.67 -4.21 -24.90
C PHE A 146 13.61 -5.25 -25.26
N GLU A 147 12.98 -5.06 -26.41
CA GLU A 147 11.90 -5.94 -26.87
C GLU A 147 12.45 -7.33 -27.25
N ALA A 148 13.57 -7.40 -27.95
CA ALA A 148 14.24 -8.66 -28.32
C ALA A 148 14.63 -9.45 -27.07
N GLY A 149 15.19 -8.81 -26.05
CA GLY A 149 15.53 -9.46 -24.77
C GLY A 149 14.30 -10.01 -24.08
N LEU A 150 13.21 -9.25 -24.05
CA LEU A 150 11.96 -9.73 -23.44
C LEU A 150 11.44 -10.93 -24.23
N ALA A 151 11.54 -10.97 -25.58
CA ALA A 151 11.06 -12.13 -26.39
C ALA A 151 11.85 -13.37 -25.97
N ARG A 152 13.18 -13.24 -25.82
CA ARG A 152 14.04 -14.34 -25.32
C ARG A 152 13.64 -14.72 -23.89
N LEU A 153 13.37 -13.76 -23.02
CA LEU A 153 12.96 -14.06 -21.62
C LEU A 153 11.65 -14.84 -21.61
N LYS A 154 10.71 -14.50 -22.47
CA LYS A 154 9.39 -15.17 -22.53
C LYS A 154 9.58 -16.60 -23.01
N ALA A 155 10.45 -16.81 -24.03
CA ALA A 155 10.67 -18.16 -24.63
C ALA A 155 11.49 -19.06 -23.68
N SER A 156 12.36 -18.52 -22.82
CA SER A 156 13.25 -19.29 -21.90
C SER A 156 12.48 -20.38 -21.14
N SER A 157 13.06 -21.56 -20.99
CA SER A 157 12.51 -22.64 -20.13
C SER A 157 13.15 -22.55 -18.74
N PHE A 158 13.84 -21.46 -18.41
CA PHE A 158 14.49 -21.27 -17.09
C PHE A 158 13.40 -21.22 -16.02
N ARG A 159 13.63 -21.85 -14.87
CA ARG A 159 12.74 -21.84 -13.69
C ARG A 159 13.52 -21.30 -12.49
N ASP A 160 12.95 -20.40 -11.70
CA ASP A 160 13.59 -19.91 -10.46
C ASP A 160 13.87 -21.12 -9.55
N PRO A 161 15.10 -21.29 -9.04
CA PRO A 161 15.42 -22.44 -8.19
C PRO A 161 14.57 -22.63 -6.92
N GLU A 162 13.93 -21.58 -6.40
CA GLU A 162 13.06 -21.60 -5.17
C GLU A 162 11.60 -21.85 -5.60
N THR A 163 11.07 -21.06 -6.54
CA THR A 163 9.66 -21.12 -7.00
C THR A 163 9.41 -22.38 -7.83
N LYS A 164 10.43 -22.91 -8.52
CA LYS A 164 10.33 -24.01 -9.50
C LYS A 164 9.46 -23.60 -10.70
N ALA A 165 9.34 -22.31 -10.97
CA ALA A 165 8.37 -21.75 -11.93
C ALA A 165 9.07 -20.72 -12.81
N PRO A 166 8.57 -20.49 -14.05
CA PRO A 166 9.12 -19.46 -14.91
C PRO A 166 9.09 -18.08 -14.23
N LEU A 167 9.89 -17.15 -14.77
CA LEU A 167 9.87 -15.73 -14.38
C LEU A 167 9.13 -14.94 -15.47
N ALA A 168 8.23 -14.04 -15.02
CA ALA A 168 7.71 -12.98 -15.88
C ALA A 168 8.89 -12.22 -16.49
N PRO A 169 8.88 -11.95 -17.82
CA PRO A 169 9.94 -11.14 -18.40
C PRO A 169 10.11 -9.74 -17.79
N LEU A 170 9.01 -9.05 -17.53
CA LEU A 170 8.97 -7.69 -16.96
C LEU A 170 7.74 -7.57 -16.06
N CYS A 171 7.95 -6.96 -14.90
CA CYS A 171 6.87 -6.50 -14.01
C CYS A 171 6.98 -5.01 -13.90
N THR A 172 5.82 -4.37 -13.96
CA THR A 172 5.61 -2.94 -13.71
C THR A 172 4.27 -2.83 -13.00
N PRO A 173 4.14 -1.93 -12.01
CA PRO A 173 2.84 -1.68 -11.36
C PRO A 173 1.86 -0.94 -12.29
N GLY A 174 0.63 -1.44 -12.39
CA GLY A 174 -0.44 -0.83 -13.22
C GLY A 174 -1.39 0.03 -12.40
N LYS A 175 -1.27 0.06 -11.06
CA LYS A 175 -2.27 0.74 -10.21
C LYS A 175 -1.67 1.46 -9.01
N ASN A 176 -2.17 2.68 -8.78
CA ASN A 176 -2.25 3.25 -7.42
C ASN A 176 -0.87 3.38 -6.76
N SER A 177 0.14 3.71 -7.54
CA SER A 177 1.45 4.25 -7.12
C SER A 177 1.73 5.51 -7.92
N TRP A 178 2.54 6.40 -7.36
CA TRP A 178 3.16 7.54 -8.09
C TRP A 178 4.03 7.02 -9.25
N ASP A 179 4.51 5.78 -9.12
CA ASP A 179 5.41 5.14 -10.11
C ASP A 179 4.62 4.74 -11.37
N VAL A 180 3.29 4.67 -11.32
CA VAL A 180 2.54 4.44 -12.59
C VAL A 180 2.93 5.57 -13.54
N LEU A 181 3.09 6.81 -13.04
CA LEU A 181 3.57 7.97 -13.85
C LEU A 181 5.08 7.87 -14.08
N HIS A 182 5.88 7.66 -13.02
CA HIS A 182 7.34 7.69 -13.14
C HIS A 182 7.87 6.57 -14.08
N ASN A 183 7.19 5.41 -14.14
CA ASN A 183 7.56 4.27 -15.00
C ASN A 183 7.18 4.54 -16.48
N ALA A 184 6.12 5.28 -16.75
CA ALA A 184 5.71 5.69 -18.11
C ALA A 184 6.57 6.83 -18.66
N ALA A 185 7.02 7.74 -17.81
CA ALA A 185 7.65 9.01 -18.23
C ALA A 185 8.84 8.75 -19.16
N PRO A 186 9.80 7.84 -18.86
CA PRO A 186 10.93 7.60 -19.76
C PRO A 186 10.48 7.20 -21.17
N TRP A 187 9.38 6.47 -21.31
CA TRP A 187 8.94 5.97 -22.62
C TRP A 187 8.36 7.16 -23.39
N ILE A 188 7.53 7.94 -22.71
CA ILE A 188 7.02 9.22 -23.26
C ILE A 188 8.20 10.11 -23.70
N TRP A 189 9.15 10.38 -22.81
CA TRP A 189 10.28 11.31 -23.11
C TRP A 189 11.17 10.77 -24.24
N GLY A 190 11.42 9.45 -24.24
CA GLY A 190 12.21 8.74 -25.25
C GLY A 190 11.62 8.84 -26.65
N ALA A 191 10.30 8.96 -26.78
CA ALA A 191 9.65 9.17 -28.09
C ALA A 191 9.70 10.67 -28.47
N GLY A 192 10.21 11.54 -27.59
CA GLY A 192 10.21 12.99 -27.85
C GLY A 192 8.96 13.68 -27.30
N GLY A 193 8.22 12.96 -26.45
CA GLY A 193 7.05 13.51 -25.75
C GLY A 193 7.41 14.11 -24.42
N GLU A 194 6.37 14.47 -23.68
CA GLU A 194 6.49 15.03 -22.33
C GLU A 194 5.12 14.94 -21.66
N ILE A 195 5.10 15.18 -20.35
CA ILE A 195 3.88 15.14 -19.54
C ILE A 195 3.15 16.47 -19.73
N VAL A 196 3.86 17.57 -19.62
CA VAL A 196 3.24 18.90 -19.83
C VAL A 196 4.11 19.72 -20.78
N ARG A 197 3.54 20.78 -21.33
CA ARG A 197 4.23 21.65 -22.29
C ARG A 197 3.81 23.11 -22.05
N GLN A 198 4.75 24.03 -22.12
CA GLN A 198 4.41 25.45 -21.95
C GLN A 198 3.64 25.86 -23.20
N ALA A 199 2.33 26.07 -23.08
CA ALA A 199 1.52 26.43 -24.26
C ALA A 199 0.85 27.79 -24.15
N GLY A 200 1.46 28.80 -24.75
CA GLY A 200 0.95 30.17 -24.79
C GLY A 200 0.64 30.89 -23.50
N GLY A 201 1.59 30.93 -22.56
CA GLY A 201 1.41 31.69 -21.29
C GLY A 201 0.89 30.79 -20.18
N ARG A 202 0.76 29.50 -20.39
CA ARG A 202 0.23 28.65 -19.31
C ARG A 202 0.86 27.28 -19.52
N TRP A 203 0.65 26.36 -18.59
CA TRP A 203 1.20 24.99 -18.78
C TRP A 203 0.01 24.08 -19.09
N GLN A 204 0.20 23.04 -19.89
CA GLN A 204 -0.94 22.15 -20.24
C GLN A 204 -0.43 20.73 -20.47
N SER A 205 -1.32 19.75 -20.46
CA SER A 205 -1.01 18.33 -20.66
C SER A 205 -0.49 18.17 -22.07
N ALA A 206 0.55 17.34 -22.23
CA ALA A 206 1.06 16.91 -23.54
C ALA A 206 0.92 15.38 -23.69
N LEU A 207 0.19 14.73 -22.81
CA LEU A 207 0.04 13.25 -22.79
C LEU A 207 -0.66 12.76 -24.05
N ASN A 208 -1.38 13.67 -24.72
CA ASN A 208 -2.14 13.38 -25.96
C ASN A 208 -1.45 13.92 -27.20
N SER A 209 -0.19 14.40 -27.10
CA SER A 209 0.69 14.71 -28.27
C SER A 209 0.97 13.41 -29.03
N PRO A 210 1.20 13.45 -30.36
CA PRO A 210 1.57 12.25 -31.12
C PRO A 210 2.74 11.47 -30.50
N GLU A 211 3.82 12.14 -30.09
CA GLU A 211 5.05 11.49 -29.57
C GLU A 211 4.76 10.89 -28.18
N SER A 212 4.04 11.59 -27.31
CA SER A 212 3.69 11.05 -25.96
C SER A 212 2.87 9.75 -26.10
N LEU A 213 1.91 9.72 -27.02
CA LEU A 213 1.07 8.53 -27.30
C LEU A 213 1.98 7.41 -27.84
N GLU A 214 2.93 7.72 -28.74
CA GLU A 214 3.88 6.75 -29.33
C GLU A 214 4.64 6.09 -28.18
N GLY A 215 5.21 6.87 -27.26
CA GLY A 215 6.03 6.32 -26.18
C GLY A 215 5.20 5.48 -25.22
N LEU A 216 4.07 6.02 -24.81
CA LEU A 216 3.15 5.34 -23.89
C LEU A 216 2.66 4.06 -24.56
N TYR A 217 2.28 4.11 -25.85
CA TYR A 217 1.74 2.94 -26.58
C TYR A 217 2.81 1.84 -26.66
N PHE A 218 4.06 2.19 -26.95
CA PHE A 218 5.14 1.17 -26.97
C PHE A 218 5.23 0.48 -25.59
N PHE A 219 5.30 1.26 -24.51
CA PHE A 219 5.32 0.75 -23.11
C PHE A 219 4.17 -0.25 -22.88
N LEU A 220 2.94 0.17 -23.13
CA LEU A 220 1.71 -0.64 -22.86
C LEU A 220 1.72 -1.89 -23.71
N SER A 221 2.28 -1.84 -24.93
CA SER A 221 2.19 -2.94 -25.89
C SER A 221 3.15 -4.06 -25.48
N LEU A 222 4.11 -3.78 -24.57
CA LEU A 222 4.96 -4.84 -23.97
C LEU A 222 4.07 -5.83 -23.23
N ALA A 223 3.06 -5.30 -22.57
CA ALA A 223 2.06 -6.07 -21.83
C ALA A 223 1.10 -6.78 -22.81
N GLN A 224 0.69 -6.09 -23.88
CA GLN A 224 -0.15 -6.66 -24.98
C GLN A 224 0.53 -7.93 -25.51
N LYS A 225 1.86 -7.93 -25.65
CA LYS A 225 2.65 -9.06 -26.23
C LYS A 225 2.96 -10.15 -25.19
N GLY A 226 2.54 -10.00 -23.96
CA GLY A 226 2.68 -11.03 -22.91
C GLY A 226 4.00 -10.92 -22.19
N TYR A 227 4.75 -9.83 -22.32
CA TYR A 227 6.04 -9.65 -21.60
C TYR A 227 5.79 -9.27 -20.13
N VAL A 228 4.66 -8.63 -19.85
CA VAL A 228 4.13 -8.29 -18.50
C VAL A 228 2.91 -9.16 -18.25
N PRO A 229 2.86 -9.93 -17.14
CA PRO A 229 1.67 -10.72 -16.81
C PRO A 229 0.50 -9.79 -16.43
N ALA A 230 -0.73 -10.20 -16.80
CA ALA A 230 -2.00 -9.53 -16.42
C ALA A 230 -2.02 -9.16 -14.94
N GLU A 231 -1.68 -10.12 -14.07
CA GLU A 231 -1.57 -9.99 -12.58
C GLU A 231 -0.90 -8.64 -12.22
N SER A 232 0.23 -8.35 -12.85
CA SER A 232 1.11 -7.18 -12.58
C SER A 232 0.35 -5.87 -12.79
N LEU A 233 -0.65 -5.85 -13.69
CA LEU A 233 -1.36 -4.63 -14.11
C LEU A 233 -2.30 -4.14 -13.00
N GLU A 234 -2.66 -5.00 -12.03
CA GLU A 234 -3.56 -4.59 -10.91
C GLU A 234 -2.73 -4.24 -9.67
N LYS A 235 -1.40 -4.40 -9.73
CA LYS A 235 -0.52 -4.34 -8.53
C LYS A 235 0.13 -2.97 -8.44
N ASN A 236 0.54 -2.61 -7.24
CA ASN A 236 1.24 -1.35 -6.92
C ASN A 236 2.72 -1.67 -6.80
N THR A 237 3.54 -0.65 -6.57
CA THR A 237 5.02 -0.71 -6.56
C THR A 237 5.46 -1.70 -5.49
N ALA A 238 4.91 -1.60 -4.29
CA ALA A 238 5.31 -2.52 -3.18
C ALA A 238 5.19 -3.98 -3.64
N GLN A 239 4.06 -4.38 -4.22
CA GLN A 239 3.78 -5.78 -4.61
C GLN A 239 4.77 -6.22 -5.70
N ILE A 240 5.04 -5.32 -6.67
CA ILE A 240 5.99 -5.60 -7.78
C ILE A 240 7.39 -5.83 -7.15
N GLU A 241 7.84 -4.93 -6.29
CA GLU A 241 9.10 -5.16 -5.53
C GLU A 241 9.01 -6.52 -4.84
N ALA A 242 7.91 -6.81 -4.18
CA ALA A 242 7.82 -8.08 -3.44
C ALA A 242 7.93 -9.22 -4.46
N ASP A 243 7.29 -9.09 -5.63
CA ASP A 243 7.30 -10.16 -6.66
C ASP A 243 8.73 -10.37 -7.17
N PHE A 244 9.49 -9.31 -7.36
CA PHE A 244 10.88 -9.44 -7.80
C PHE A 244 11.67 -10.17 -6.71
N GLN A 245 11.53 -9.73 -5.44
CA GLN A 245 12.28 -10.34 -4.31
C GLN A 245 11.96 -11.83 -4.27
N ALA A 246 10.71 -12.20 -4.54
CA ALA A 246 10.22 -13.60 -4.42
C ALA A 246 10.62 -14.44 -5.63
N GLY A 247 11.30 -13.90 -6.64
CA GLY A 247 11.76 -14.71 -7.78
C GLY A 247 10.73 -14.91 -8.89
N LYS A 248 9.83 -13.94 -9.06
CA LYS A 248 8.69 -14.03 -10.02
C LYS A 248 8.92 -13.15 -11.28
N CYS A 249 9.92 -12.27 -11.26
CA CYS A 249 10.18 -11.24 -12.32
C CYS A 249 11.67 -11.27 -12.67
N ALA A 250 11.95 -11.30 -13.98
CA ALA A 250 13.30 -11.31 -14.58
C ALA A 250 13.84 -9.87 -14.61
N VAL A 251 12.97 -8.89 -14.84
CA VAL A 251 13.32 -7.46 -14.97
C VAL A 251 12.27 -6.57 -14.33
N PHE A 252 12.69 -5.45 -13.73
CA PHE A 252 11.75 -4.39 -13.30
C PHE A 252 12.52 -3.08 -13.06
N ALA A 253 11.82 -1.95 -13.17
CA ALA A 253 12.39 -0.60 -13.00
C ALA A 253 12.23 -0.17 -11.55
N SER A 254 13.31 0.30 -10.97
CA SER A 254 13.31 0.80 -9.58
C SER A 254 14.43 1.82 -9.32
N GLY A 255 14.59 2.13 -8.04
CA GLY A 255 15.60 3.05 -7.55
C GLY A 255 16.77 2.31 -6.95
N PRO A 256 17.79 3.07 -6.54
CA PRO A 256 18.98 2.53 -5.93
C PRO A 256 18.74 1.82 -4.58
N TRP A 257 17.59 1.99 -3.97
CA TRP A 257 17.31 1.42 -2.62
C TRP A 257 17.34 -0.11 -2.68
N MET A 258 17.02 -0.74 -3.81
CA MET A 258 16.90 -2.23 -3.85
C MET A 258 18.30 -2.81 -3.60
N ILE A 259 19.36 -2.07 -3.96
CA ILE A 259 20.75 -2.52 -3.69
C ILE A 259 20.97 -2.67 -2.16
N GLN A 260 20.57 -1.71 -1.34
CA GLN A 260 20.66 -1.78 0.15
C GLN A 260 19.83 -2.96 0.65
N ARG A 261 18.60 -3.10 0.12
CA ARG A 261 17.62 -4.13 0.54
C ARG A 261 18.20 -5.52 0.31
N ALA A 262 18.90 -5.72 -0.81
CA ALA A 262 19.46 -7.03 -1.23
C ALA A 262 20.57 -7.47 -0.27
N GLN A 263 21.14 -6.53 0.50
CA GLN A 263 22.30 -6.80 1.39
C GLN A 263 21.82 -7.05 2.82
N VAL A 264 20.50 -7.04 3.06
CA VAL A 264 19.94 -7.07 4.46
C VAL A 264 18.98 -8.25 4.57
N PRO A 265 18.92 -9.02 5.69
CA PRO A 265 18.03 -10.18 5.75
C PRO A 265 16.53 -9.78 5.82
N GLU A 266 15.63 -10.72 5.50
CA GLU A 266 14.14 -10.57 5.60
C GLU A 266 13.78 -9.99 6.96
N ALA A 267 14.40 -10.44 8.04
CA ALA A 267 13.99 -10.03 9.40
C ALA A 267 14.24 -8.52 9.56
N LYS A 268 15.12 -7.90 8.78
CA LYS A 268 15.36 -6.43 8.85
C LYS A 268 14.70 -5.75 7.64
N GLY A 269 13.78 -6.43 6.95
CA GLY A 269 13.01 -5.83 5.84
C GLY A 269 13.72 -5.90 4.49
N GLY A 270 14.74 -6.74 4.35
CA GLY A 270 15.45 -6.92 3.07
C GLY A 270 15.19 -8.29 2.45
N PHE A 271 16.05 -8.73 1.53
CA PHE A 271 15.80 -9.99 0.80
C PHE A 271 17.10 -10.73 0.54
N ALA A 272 18.05 -10.63 1.46
CA ALA A 272 19.37 -11.32 1.33
C ALA A 272 19.19 -12.85 1.20
N GLU A 273 18.18 -13.46 1.81
CA GLU A 273 17.96 -14.94 1.71
C GLU A 273 17.60 -15.31 0.26
N ARG A 274 17.10 -14.38 -0.55
CA ARG A 274 16.43 -14.74 -1.82
C ARG A 274 17.46 -14.95 -2.95
N THR A 275 17.15 -15.86 -3.84
CA THR A 275 17.87 -16.12 -5.11
C THR A 275 18.14 -14.76 -5.79
N ALA A 276 17.20 -13.84 -5.82
CA ALA A 276 17.32 -12.57 -6.56
C ALA A 276 18.46 -11.72 -6.03
N ALA A 277 18.78 -11.81 -4.73
CA ALA A 277 19.85 -11.03 -4.06
C ALA A 277 21.21 -11.58 -4.50
N LYS A 278 21.28 -12.88 -4.81
CA LYS A 278 22.48 -13.58 -5.29
C LYS A 278 22.63 -13.45 -6.80
N ASN A 279 21.65 -12.88 -7.52
CA ASN A 279 21.64 -12.89 -9.00
C ASN A 279 21.18 -11.51 -9.50
N LEU A 280 21.77 -10.45 -8.94
CA LEU A 280 21.35 -9.06 -9.14
C LEU A 280 22.21 -8.32 -10.16
N GLY A 281 21.59 -7.89 -11.26
CA GLY A 281 22.20 -6.96 -12.21
C GLY A 281 21.44 -5.67 -12.30
N VAL A 282 22.12 -4.58 -12.66
CA VAL A 282 21.49 -3.27 -12.96
C VAL A 282 21.89 -2.86 -14.39
N ALA A 283 20.95 -2.33 -15.17
CA ALA A 283 21.20 -1.71 -16.49
C ALA A 283 20.38 -0.45 -16.66
N PRO A 284 20.89 0.56 -17.36
CA PRO A 284 20.14 1.79 -17.62
C PRO A 284 18.90 1.60 -18.47
N TYR A 285 18.01 2.58 -18.44
CA TYR A 285 16.90 2.69 -19.43
C TYR A 285 17.48 2.69 -20.84
N PRO A 286 16.88 1.94 -21.76
CA PRO A 286 17.25 2.00 -23.18
C PRO A 286 16.96 3.38 -23.79
N ALA A 287 17.80 3.78 -24.72
CA ALA A 287 17.63 4.94 -25.59
C ALA A 287 16.34 4.73 -26.37
N GLY A 288 15.44 5.71 -26.34
CA GLY A 288 14.35 5.78 -27.33
C GLY A 288 14.81 6.39 -28.66
N PRO A 289 13.92 6.52 -29.65
CA PRO A 289 14.28 7.17 -30.90
C PRO A 289 14.70 8.65 -30.76
N LYS A 290 14.26 9.40 -29.75
CA LYS A 290 14.71 10.82 -29.51
C LYS A 290 15.70 10.93 -28.34
N GLY A 291 16.19 9.81 -27.81
CA GLY A 291 17.37 9.77 -26.95
C GLY A 291 17.15 8.96 -25.69
N ARG A 292 18.05 9.11 -24.73
CA ARG A 292 18.03 8.31 -23.47
C ARG A 292 17.56 9.20 -22.35
N TYR A 293 16.57 8.75 -21.60
CA TYR A 293 16.01 9.52 -20.46
C TYR A 293 15.71 8.56 -19.30
N THR A 294 15.82 9.04 -18.08
CA THR A 294 15.21 8.34 -16.92
C THR A 294 14.59 9.37 -15.99
N PHE A 295 13.70 8.90 -15.13
CA PHE A 295 13.11 9.69 -14.05
C PHE A 295 14.17 9.92 -12.99
N PHE A 296 14.40 11.18 -12.68
CA PHE A 296 15.28 11.66 -11.60
C PHE A 296 14.42 12.46 -10.62
N GLY A 297 14.41 12.03 -9.36
CA GLY A 297 13.62 12.60 -8.28
C GLY A 297 14.35 12.50 -6.98
N GLY A 298 13.59 12.14 -5.95
CA GLY A 298 14.00 12.12 -4.54
C GLY A 298 13.04 12.91 -3.68
N SER A 299 13.52 13.33 -2.52
CA SER A 299 12.77 14.03 -1.47
C SER A 299 13.61 15.13 -0.86
N ASN A 300 12.93 16.22 -0.51
CA ASN A 300 13.44 17.42 0.18
C ASN A 300 12.75 17.48 1.52
N LEU A 301 13.14 18.44 2.35
CA LEU A 301 12.51 18.64 3.66
C LEU A 301 11.97 20.07 3.67
N ALA A 302 10.73 20.25 4.16
CA ALA A 302 10.08 21.56 4.25
C ALA A 302 9.63 21.86 5.69
N LEU A 303 9.59 23.15 6.02
CA LEU A 303 9.16 23.68 7.31
C LEU A 303 7.84 24.41 7.13
N PHE A 304 6.76 23.95 7.79
CA PHE A 304 5.45 24.67 7.75
C PHE A 304 5.61 26.03 8.43
N ASN A 305 5.05 27.08 7.83
CA ASN A 305 5.16 28.49 8.34
C ASN A 305 4.23 28.73 9.53
N PHE A 306 3.39 27.75 9.88
CA PHE A 306 2.63 27.67 11.16
C PHE A 306 3.38 26.87 12.24
N SER A 307 4.62 26.44 12.03
CA SER A 307 5.42 25.80 13.10
C SER A 307 5.69 26.83 14.23
N LYS A 308 5.70 26.36 15.49
CA LYS A 308 6.01 27.14 16.71
C LYS A 308 7.49 27.01 17.09
N ASN A 309 8.28 26.22 16.35
CA ASN A 309 9.66 25.84 16.69
C ASN A 309 10.56 26.15 15.48
N LYS A 310 10.39 27.27 14.80
CA LYS A 310 11.07 27.50 13.49
C LYS A 310 12.60 27.58 13.64
N PRO A 311 13.18 28.35 14.61
CA PRO A 311 14.65 28.44 14.73
C PRO A 311 15.31 27.08 14.95
N LEU A 312 14.67 26.23 15.78
CA LEU A 312 15.17 24.87 16.07
C LEU A 312 15.01 23.95 14.85
N ALA A 313 13.87 24.01 14.16
CA ALA A 313 13.57 23.19 12.98
C ALA A 313 14.53 23.53 11.84
N LYS A 314 14.91 24.80 11.68
CA LYS A 314 15.98 25.25 10.74
C LYS A 314 17.35 24.69 11.12
N GLU A 315 17.67 24.63 12.42
CA GLU A 315 18.92 23.96 12.85
C GLU A 315 18.83 22.47 12.44
N LEU A 316 17.64 21.85 12.53
CA LEU A 316 17.52 20.41 12.19
C LEU A 316 17.66 20.28 10.67
N LEU A 317 17.08 21.18 9.87
CA LEU A 317 17.21 21.17 8.38
C LEU A 317 18.70 21.29 8.02
N LYS A 318 19.42 22.17 8.68
CA LYS A 318 20.87 22.39 8.39
C LYS A 318 21.62 21.07 8.68
N TYR A 319 21.24 20.39 9.74
CA TYR A 319 21.84 19.10 10.12
C TYR A 319 21.54 18.04 9.06
N LEU A 320 20.28 17.79 8.75
CA LEU A 320 19.87 16.72 7.79
C LEU A 320 20.43 17.00 6.37
N GLY A 321 20.54 18.28 5.98
CA GLY A 321 21.03 18.70 4.66
C GLY A 321 22.56 18.70 4.56
N GLY A 322 23.22 18.52 5.69
CA GLY A 322 24.68 18.73 5.85
C GLY A 322 25.46 17.46 5.59
N PRO A 323 26.78 17.59 5.31
CA PRO A 323 27.60 16.47 4.83
C PRO A 323 27.49 15.16 5.59
N GLU A 324 27.58 15.22 6.93
CA GLU A 324 27.67 13.99 7.77
C GLU A 324 26.34 13.23 7.66
N ALA A 325 25.21 13.90 7.94
CA ALA A 325 23.87 13.28 7.93
C ALA A 325 23.48 12.88 6.48
N GLN A 326 23.97 13.63 5.49
CA GLN A 326 23.69 13.36 4.05
C GLN A 326 24.20 11.96 3.68
N VAL A 327 25.43 11.64 4.11
CA VAL A 327 26.12 10.33 3.94
C VAL A 327 25.37 9.26 4.73
N ARG A 328 25.14 9.48 6.03
CA ARG A 328 24.47 8.47 6.91
C ARG A 328 23.10 8.09 6.34
N TYR A 329 22.24 9.03 6.00
CA TYR A 329 20.87 8.64 5.57
C TYR A 329 20.95 7.90 4.23
N ALA A 330 21.81 8.35 3.30
CA ALA A 330 21.97 7.65 1.99
C ALA A 330 22.47 6.22 2.24
N GLN A 331 23.39 6.02 3.20
CA GLN A 331 23.86 4.65 3.57
C GLN A 331 22.67 3.82 4.06
N MET A 332 21.83 4.36 4.95
CA MET A 332 20.76 3.57 5.62
C MET A 332 19.66 3.29 4.60
N THR A 333 19.41 4.19 3.65
CA THR A 333 18.26 4.10 2.74
C THR A 333 18.64 3.46 1.41
N GLY A 334 19.92 3.51 1.00
CA GLY A 334 20.34 3.08 -0.35
C GLY A 334 19.99 4.14 -1.38
N MET A 335 19.67 5.35 -0.94
CA MET A 335 19.46 6.52 -1.82
C MET A 335 20.81 7.18 -2.06
N LEU A 336 20.83 8.14 -2.97
CA LEU A 336 22.01 8.98 -3.25
C LEU A 336 21.83 10.20 -2.38
N PRO A 337 22.90 10.77 -1.82
CA PRO A 337 22.81 12.07 -1.14
C PRO A 337 22.28 13.11 -2.12
N ALA A 338 21.62 14.12 -1.59
CA ALA A 338 21.20 15.34 -2.32
C ALA A 338 22.39 16.31 -2.44
N LEU A 339 23.25 16.36 -1.42
CA LEU A 339 24.42 17.27 -1.41
C LEU A 339 25.52 16.62 -2.26
N ARG A 340 25.89 17.28 -3.34
CA ARG A 340 26.83 16.76 -4.40
C ARG A 340 28.11 16.29 -3.73
N SER A 341 28.67 17.10 -2.83
CA SER A 341 29.96 16.80 -2.15
C SER A 341 29.92 15.40 -1.51
N ALA A 342 28.76 14.96 -1.00
CA ALA A 342 28.63 13.69 -0.24
C ALA A 342 28.73 12.45 -1.16
N TRP A 343 28.61 12.61 -2.49
CA TRP A 343 28.75 11.51 -3.47
C TRP A 343 30.14 10.90 -3.42
N SER A 344 31.12 11.59 -2.82
CA SER A 344 32.55 11.22 -2.85
C SER A 344 32.81 10.08 -1.84
N ASP A 345 31.94 9.90 -0.85
CA ASP A 345 32.06 8.80 0.15
C ASP A 345 32.17 7.46 -0.61
N PRO A 346 33.00 6.52 -0.11
CA PRO A 346 33.23 5.26 -0.83
C PRO A 346 32.03 4.33 -0.84
N SER A 347 31.11 4.44 0.14
CA SER A 347 29.81 3.72 0.15
C SER A 347 29.05 3.91 -1.17
N PHE A 348 29.28 5.02 -1.90
CA PHE A 348 28.62 5.30 -3.19
C PHE A 348 29.58 5.02 -4.33
N GLN A 349 30.82 5.48 -4.21
CA GLN A 349 31.79 5.52 -5.34
C GLN A 349 32.44 4.14 -5.48
N GLN A 350 32.50 3.33 -4.42
CA GLN A 350 33.00 1.93 -4.48
C GLN A 350 31.88 0.89 -4.72
N ASN A 351 30.63 1.32 -4.91
CA ASN A 351 29.44 0.45 -5.07
C ASN A 351 29.21 0.24 -6.58
N PRO A 352 29.53 -0.96 -7.13
CA PRO A 352 29.44 -1.20 -8.58
C PRO A 352 28.01 -1.18 -9.14
N LEU A 353 27.02 -1.70 -8.42
CA LEU A 353 25.61 -1.58 -8.89
C LEU A 353 25.16 -0.10 -8.82
N LEU A 354 25.59 0.58 -7.77
CA LEU A 354 25.21 2.01 -7.61
C LEU A 354 25.86 2.87 -8.70
N ARG A 355 27.01 2.47 -9.20
CA ARG A 355 27.73 3.21 -10.27
C ARG A 355 26.81 3.32 -11.49
N THR A 356 25.99 2.31 -11.81
CA THR A 356 25.06 2.41 -12.95
C THR A 356 24.06 3.54 -12.68
N PHE A 357 23.61 3.74 -11.45
CA PHE A 357 22.64 4.83 -11.11
C PHE A 357 23.41 6.15 -11.19
N ILE A 358 24.64 6.20 -10.70
CA ILE A 358 25.41 7.48 -10.77
C ILE A 358 25.60 7.89 -12.24
N GLN A 359 25.96 6.96 -13.11
CA GLN A 359 26.18 7.21 -14.56
C GLN A 359 24.84 7.50 -15.22
N ALA A 360 23.73 6.93 -14.74
CA ALA A 360 22.38 7.15 -15.32
C ALA A 360 21.92 8.61 -15.13
N ALA A 361 22.43 9.29 -14.08
CA ALA A 361 22.18 10.70 -13.73
C ALA A 361 22.41 11.66 -14.91
N GLN A 362 23.32 11.37 -15.82
CA GLN A 362 23.56 12.16 -17.06
C GLN A 362 22.20 12.33 -17.78
N PHE A 363 21.37 11.29 -17.78
CA PHE A 363 20.15 11.15 -18.61
C PHE A 363 18.89 11.44 -17.80
N GLY A 364 19.08 11.82 -16.54
CA GLY A 364 18.01 12.08 -15.55
C GLY A 364 17.16 13.24 -16.00
N ARG A 365 15.85 13.11 -15.92
CA ARG A 365 14.90 14.21 -16.23
C ARG A 365 13.83 14.26 -15.14
N THR A 366 13.29 15.42 -14.85
CA THR A 366 12.06 15.47 -14.00
C THR A 366 11.04 16.46 -14.53
N TYR A 367 9.96 16.63 -13.79
CA TYR A 367 8.80 17.45 -14.20
C TYR A 367 9.09 18.88 -13.76
N PRO A 368 8.53 19.90 -14.43
CA PRO A 368 8.67 21.26 -13.95
C PRO A 368 7.95 21.32 -12.60
N SER A 369 8.42 22.25 -11.77
CA SER A 369 8.03 22.39 -10.36
C SER A 369 6.77 23.28 -10.25
N LEU A 370 5.59 22.72 -10.56
CA LEU A 370 4.37 23.52 -10.87
C LEU A 370 3.35 23.41 -9.73
N ALA A 371 2.50 24.45 -9.64
CA ALA A 371 1.46 24.68 -8.62
C ALA A 371 0.48 23.51 -8.58
N GLY A 372 0.07 22.96 -9.72
CA GLY A 372 -0.98 21.92 -9.64
C GLY A 372 -0.43 20.50 -9.58
N TRP A 373 0.82 20.31 -9.22
CA TRP A 373 1.53 19.07 -9.62
C TRP A 373 0.98 17.89 -8.84
N GLY A 374 0.61 18.07 -7.58
CA GLY A 374 -0.04 16.97 -6.84
C GLY A 374 -1.27 16.46 -7.59
N GLY A 375 -2.12 17.38 -8.08
CA GLY A 375 -3.34 17.03 -8.83
C GLY A 375 -2.98 16.30 -10.10
N VAL A 376 -1.98 16.81 -10.81
CA VAL A 376 -1.50 16.21 -12.07
C VAL A 376 -1.11 14.74 -11.80
N GLU A 377 -0.37 14.49 -10.73
CA GLU A 377 0.11 13.12 -10.47
C GLU A 377 -1.07 12.21 -10.15
N ASN A 378 -1.97 12.57 -9.21
CA ASN A 378 -3.19 11.78 -8.87
C ASN A 378 -3.92 11.47 -10.19
N LEU A 379 -4.21 12.47 -11.02
CA LEU A 379 -5.06 12.28 -12.25
C LEU A 379 -4.30 11.41 -13.27
N ALA A 380 -3.00 11.66 -13.42
CA ALA A 380 -2.10 10.89 -14.31
C ALA A 380 -2.12 9.42 -13.88
N VAL A 381 -1.90 9.14 -12.60
CA VAL A 381 -1.91 7.75 -12.04
C VAL A 381 -3.27 7.10 -12.35
N GLN A 382 -4.37 7.80 -12.09
CA GLN A 382 -5.74 7.29 -12.32
C GLN A 382 -5.89 6.94 -13.80
N HIS A 383 -5.57 7.86 -14.71
CA HIS A 383 -5.80 7.65 -16.15
C HIS A 383 -4.79 6.66 -16.75
N LEU A 384 -3.56 6.60 -16.23
CA LEU A 384 -2.59 5.61 -16.73
C LEU A 384 -2.99 4.22 -16.25
N GLY A 385 -3.54 4.12 -15.04
CA GLY A 385 -4.15 2.88 -14.53
C GLY A 385 -5.21 2.38 -15.49
N MET A 386 -5.99 3.30 -16.07
CA MET A 386 -7.06 2.91 -17.02
C MET A 386 -6.45 2.47 -18.36
N ALA A 387 -5.25 2.96 -18.72
CA ALA A 387 -4.58 2.53 -19.98
C ALA A 387 -4.16 1.07 -19.81
N TRP A 388 -3.60 0.75 -18.62
CA TRP A 388 -3.21 -0.64 -18.31
C TRP A 388 -4.46 -1.53 -18.37
N ASP A 389 -5.61 -1.02 -17.91
CA ASP A 389 -6.91 -1.74 -17.97
C ASP A 389 -7.24 -2.09 -19.45
N LEU A 390 -7.05 -1.15 -20.40
CA LEU A 390 -7.31 -1.42 -21.83
C LEU A 390 -6.56 -2.70 -22.22
N VAL A 391 -5.33 -2.86 -21.71
CA VAL A 391 -4.50 -4.06 -22.05
C VAL A 391 -5.14 -5.30 -21.44
N ALA A 392 -5.35 -5.31 -20.11
CA ALA A 392 -5.96 -6.49 -19.42
C ALA A 392 -7.18 -6.97 -20.19
N GLN A 393 -7.98 -6.04 -20.73
CA GLN A 393 -9.30 -6.33 -21.37
C GLN A 393 -9.16 -6.68 -22.87
N GLY A 394 -7.97 -6.66 -23.46
CA GLY A 394 -7.83 -6.86 -24.92
C GLY A 394 -8.48 -5.75 -25.72
N ARG A 395 -8.47 -4.52 -25.21
CA ARG A 395 -9.14 -3.35 -25.83
C ARG A 395 -8.08 -2.28 -26.19
N LEU A 396 -6.77 -2.59 -26.13
CA LEU A 396 -5.77 -1.54 -26.47
C LEU A 396 -5.70 -1.34 -27.99
N THR A 397 -6.03 -0.14 -28.44
CA THR A 397 -5.89 0.36 -29.83
C THR A 397 -5.36 1.77 -29.70
N ARG A 398 -4.89 2.34 -30.81
CA ARG A 398 -4.26 3.66 -30.71
C ARG A 398 -5.33 4.72 -30.47
N GLU A 399 -6.50 4.61 -31.11
CA GLU A 399 -7.65 5.49 -30.89
C GLU A 399 -8.13 5.40 -29.42
N ALA A 400 -8.26 4.21 -28.84
CA ALA A 400 -8.75 4.04 -27.46
C ALA A 400 -7.75 4.70 -26.52
N LEU A 401 -6.44 4.53 -26.78
CA LEU A 401 -5.41 5.18 -25.93
C LEU A 401 -5.50 6.70 -26.09
N LYS A 402 -5.67 7.17 -27.31
CA LYS A 402 -5.79 8.61 -27.58
C LYS A 402 -7.01 9.18 -26.84
N ASP A 403 -8.17 8.55 -26.97
CA ASP A 403 -9.42 9.01 -26.30
C ASP A 403 -9.20 9.11 -24.78
N LEU A 404 -8.52 8.11 -24.20
CA LEU A 404 -8.20 8.06 -22.75
C LEU A 404 -7.26 9.21 -22.35
N MET A 405 -6.21 9.45 -23.14
CA MET A 405 -5.25 10.54 -22.82
C MET A 405 -5.87 11.91 -23.12
N ASP A 406 -6.90 11.99 -23.97
CA ASP A 406 -7.65 13.25 -24.18
C ASP A 406 -8.41 13.58 -22.91
N LYS A 407 -9.02 12.58 -22.30
CA LYS A 407 -9.70 12.75 -20.99
C LYS A 407 -8.66 13.05 -19.90
N ALA A 408 -7.52 12.36 -19.84
CA ALA A 408 -6.49 12.64 -18.82
C ALA A 408 -6.05 14.10 -18.99
N SER A 409 -5.99 14.59 -20.25
CA SER A 409 -5.43 15.91 -20.58
C SER A 409 -6.42 16.98 -20.13
N ALA A 410 -7.71 16.74 -20.32
CA ALA A 410 -8.75 17.72 -19.93
C ALA A 410 -8.67 17.84 -18.41
N ALA A 411 -8.69 16.72 -17.71
CA ALA A 411 -8.65 16.70 -16.21
C ALA A 411 -7.38 17.41 -15.71
N ILE A 412 -6.24 17.10 -16.29
CA ILE A 412 -4.94 17.67 -15.87
C ILE A 412 -4.91 19.18 -16.13
N ASN A 413 -5.49 19.64 -17.24
CA ASN A 413 -5.59 21.07 -17.55
C ASN A 413 -6.39 21.78 -16.44
N GLN A 414 -7.51 21.21 -15.99
CA GLN A 414 -8.28 21.76 -14.85
C GLN A 414 -7.34 21.92 -13.65
N ALA A 415 -6.63 20.87 -13.25
CA ALA A 415 -5.76 20.90 -12.05
C ALA A 415 -4.66 21.98 -12.19
N LEU A 416 -4.13 22.24 -13.40
CA LEU A 416 -3.03 23.22 -13.67
C LEU A 416 -3.52 24.68 -13.69
N ARG A 417 -4.76 24.93 -14.09
CA ARG A 417 -5.32 26.30 -14.15
C ARG A 417 -5.98 26.67 -12.82
N HIS A 418 -6.11 25.76 -11.84
CA HIS A 418 -6.86 25.97 -10.56
C HIS A 418 -6.10 26.96 -9.65
N HIS A 419 -6.80 27.94 -9.05
CA HIS A 419 -6.23 29.00 -8.16
C HIS A 419 -6.49 28.65 -6.69
N GLN B 2 19.88 -14.89 26.36
CA GLN B 2 20.45 -14.56 25.04
C GLN B 2 19.69 -15.33 23.96
N LYS B 3 18.79 -16.24 24.34
CA LYS B 3 17.95 -17.04 23.40
C LYS B 3 16.90 -16.10 22.79
N THR B 4 16.63 -16.22 21.49
CA THR B 4 15.90 -15.19 20.70
C THR B 4 14.78 -15.85 19.88
N LEU B 5 13.67 -15.12 19.66
CA LEU B 5 12.55 -15.51 18.77
C LEU B 5 12.36 -14.43 17.71
N GLU B 6 12.05 -14.85 16.49
CA GLU B 6 11.67 -13.93 15.40
C GLU B 6 10.19 -14.12 15.12
N VAL B 7 9.44 -13.00 15.12
CA VAL B 7 7.99 -12.96 14.82
C VAL B 7 7.75 -11.98 13.66
N TRP B 8 6.95 -12.43 12.70
CA TRP B 8 6.38 -11.61 11.60
C TRP B 8 4.93 -11.24 11.94
N ILE B 9 4.66 -9.93 11.95
CA ILE B 9 3.31 -9.36 12.19
C ILE B 9 2.93 -8.44 11.04
N MET B 10 1.62 -8.23 10.84
CA MET B 10 1.07 -7.27 9.86
C MET B 10 0.86 -5.95 10.61
N PRO B 11 0.61 -4.78 10.00
CA PRO B 11 0.44 -3.55 10.77
C PRO B 11 -0.89 -3.41 11.53
N ASN B 12 -0.99 -4.02 12.72
CA ASN B 12 -2.28 -4.22 13.43
C ASN B 12 -2.65 -2.97 14.22
N SER B 13 -1.67 -2.15 14.51
CA SER B 13 -1.81 -0.83 15.18
C SER B 13 -0.95 0.18 14.44
N PRO B 14 -1.10 1.50 14.68
CA PRO B 14 -0.41 2.48 13.84
C PRO B 14 1.10 2.53 14.08
N GLN B 15 1.59 2.10 15.27
CA GLN B 15 3.02 1.91 15.54
C GLN B 15 3.28 0.43 15.86
N PRO B 16 3.24 -0.45 14.84
CA PRO B 16 2.99 -1.87 15.09
C PRO B 16 4.11 -2.60 15.84
N ALA B 17 5.38 -2.35 15.47
CA ALA B 17 6.57 -2.98 16.07
C ALA B 17 6.67 -2.53 17.52
N GLU B 18 6.51 -1.23 17.77
CA GLU B 18 6.57 -0.61 19.11
C GLU B 18 5.46 -1.17 20.00
N ASP B 19 4.25 -1.25 19.47
CA ASP B 19 3.11 -1.80 20.26
C ASP B 19 3.40 -3.27 20.57
N PHE B 20 3.93 -4.02 19.60
CA PHE B 20 4.14 -5.47 19.79
C PHE B 20 5.26 -5.68 20.83
N LYS B 21 6.30 -4.82 20.81
CA LYS B 21 7.46 -4.92 21.75
C LYS B 21 6.96 -4.64 23.18
N ALA B 22 6.16 -3.57 23.36
CA ALA B 22 5.65 -3.26 24.70
C ALA B 22 4.80 -4.47 25.16
N LEU B 23 3.98 -5.10 24.28
CA LEU B 23 3.12 -6.28 24.60
C LEU B 23 3.97 -7.44 25.16
N VAL B 24 5.13 -7.72 24.56
CA VAL B 24 5.92 -8.92 24.92
C VAL B 24 7.00 -8.57 25.98
N ALA B 25 7.25 -7.30 26.32
CA ALA B 25 8.26 -6.90 27.35
C ALA B 25 8.11 -7.78 28.61
N PRO B 26 6.92 -7.93 29.22
CA PRO B 26 6.80 -8.78 30.40
C PRO B 26 7.30 -10.22 30.15
N PHE B 27 7.08 -10.78 28.96
CA PHE B 27 7.44 -12.19 28.65
C PHE B 27 8.95 -12.29 28.51
N GLU B 28 9.54 -11.25 27.92
CA GLU B 28 11.02 -11.11 27.82
C GLU B 28 11.64 -11.07 29.23
N LYS B 29 11.04 -10.34 30.17
CA LYS B 29 11.54 -10.21 31.57
C LYS B 29 11.43 -11.56 32.31
N ALA B 30 10.33 -12.30 32.16
CA ALA B 30 10.00 -13.54 32.92
C ALA B 30 10.78 -14.74 32.39
N HIS B 31 11.27 -14.72 31.15
CA HIS B 31 12.05 -15.82 30.53
C HIS B 31 13.49 -15.40 30.20
N GLY B 32 13.83 -14.11 30.34
CA GLY B 32 15.16 -13.59 29.97
C GLY B 32 15.50 -13.95 28.53
N VAL B 33 14.62 -13.65 27.59
CA VAL B 33 14.85 -13.90 26.14
C VAL B 33 14.49 -12.62 25.40
N GLU B 34 14.95 -12.52 24.16
CA GLU B 34 14.66 -11.40 23.23
C GLU B 34 13.65 -11.90 22.19
N VAL B 35 12.52 -11.22 22.05
CA VAL B 35 11.57 -11.40 20.93
C VAL B 35 11.81 -10.28 19.89
N LYS B 36 12.29 -10.64 18.72
CA LYS B 36 12.41 -9.71 17.58
C LYS B 36 11.10 -9.72 16.76
N VAL B 37 10.73 -8.55 16.26
CA VAL B 37 9.50 -8.41 15.44
C VAL B 37 9.90 -7.74 14.12
N THR B 38 9.35 -8.25 13.03
CA THR B 38 9.37 -7.65 11.68
C THR B 38 7.94 -7.47 11.18
N VAL B 39 7.62 -6.28 10.66
CA VAL B 39 6.28 -5.86 10.15
C VAL B 39 6.24 -6.04 8.63
N LEU B 40 5.28 -6.83 8.17
CA LEU B 40 4.93 -7.09 6.74
C LEU B 40 3.60 -6.40 6.46
N ASP B 41 3.57 -5.48 5.52
CA ASP B 41 2.32 -4.91 5.01
C ASP B 41 1.40 -6.00 4.49
N TRP B 42 0.09 -5.78 4.64
CA TRP B 42 -0.91 -6.78 4.20
C TRP B 42 -0.77 -7.03 2.70
N GLY B 43 -0.48 -6.02 1.89
CA GLY B 43 -0.43 -6.21 0.42
C GLY B 43 0.62 -7.21 -0.02
N VAL B 44 1.71 -7.39 0.75
CA VAL B 44 2.84 -8.27 0.38
C VAL B 44 2.95 -9.48 1.35
N ALA B 45 2.12 -9.57 2.39
CA ALA B 45 2.30 -10.62 3.42
C ALA B 45 2.10 -12.00 2.80
N TRP B 46 1.17 -12.14 1.88
CA TRP B 46 0.92 -13.46 1.22
C TRP B 46 2.22 -13.88 0.52
N THR B 47 2.78 -13.00 -0.32
CA THR B 47 4.01 -13.28 -1.10
C THR B 47 5.15 -13.72 -0.17
N LYS B 48 5.38 -12.98 0.92
CA LYS B 48 6.51 -13.21 1.85
C LYS B 48 6.25 -14.46 2.68
N ILE B 49 5.00 -14.69 3.11
CA ILE B 49 4.75 -15.89 3.96
C ILE B 49 4.89 -17.17 3.10
N THR B 50 4.34 -17.20 1.88
CA THR B 50 4.40 -18.39 0.98
C THR B 50 5.86 -18.68 0.60
N THR B 51 6.67 -17.66 0.43
CA THR B 51 8.09 -17.84 0.04
C THR B 51 8.82 -18.47 1.24
N ALA B 52 8.60 -17.98 2.45
CA ALA B 52 9.21 -18.55 3.68
C ALA B 52 8.82 -20.02 3.78
N ALA B 53 7.55 -20.33 3.57
CA ALA B 53 7.00 -21.70 3.64
C ALA B 53 7.73 -22.59 2.64
N THR B 54 7.77 -22.23 1.35
CA THR B 54 8.42 -23.02 0.27
C THR B 54 9.94 -23.12 0.54
N SER B 55 10.60 -22.08 1.06
CA SER B 55 12.08 -22.01 1.12
C SER B 55 12.60 -22.69 2.37
N GLY B 56 11.77 -22.90 3.38
CA GLY B 56 12.19 -23.55 4.63
C GLY B 56 12.97 -22.58 5.48
N VAL B 57 12.98 -21.29 5.13
CA VAL B 57 13.61 -20.26 5.99
C VAL B 57 12.65 -19.12 6.25
N GLY B 58 12.60 -18.67 7.50
CA GLY B 58 11.70 -17.58 7.92
C GLY B 58 11.74 -17.41 9.43
N PRO B 59 10.66 -16.88 10.03
CA PRO B 59 10.65 -16.61 11.46
C PRO B 59 10.24 -17.88 12.22
N ASP B 60 10.18 -17.74 13.55
CA ASP B 60 9.67 -18.83 14.42
C ASP B 60 8.15 -18.81 14.28
N LEU B 61 7.55 -17.65 14.50
CA LEU B 61 6.11 -17.40 14.39
C LEU B 61 5.81 -16.38 13.31
N THR B 62 4.64 -16.54 12.71
CA THR B 62 4.03 -15.56 11.80
C THR B 62 2.56 -15.42 12.10
N GLN B 63 2.11 -14.18 12.11
CA GLN B 63 0.68 -13.82 12.06
C GLN B 63 0.22 -14.40 10.74
N LEU B 64 -0.99 -14.93 10.74
CA LEU B 64 -1.76 -15.41 9.57
C LEU B 64 -3.16 -14.81 9.70
N GLY B 65 -3.65 -14.13 8.69
CA GLY B 65 -5.08 -13.84 8.61
C GLY B 65 -5.86 -15.13 8.70
N THR B 66 -6.97 -15.15 9.45
CA THR B 66 -7.80 -16.34 9.67
C THR B 66 -8.05 -17.03 8.34
N THR B 67 -8.24 -16.32 7.22
CA THR B 67 -8.69 -16.93 5.94
C THR B 67 -7.55 -17.66 5.22
N TRP B 68 -6.31 -17.50 5.71
CA TRP B 68 -5.08 -18.10 5.15
C TRP B 68 -4.65 -19.34 5.91
N VAL B 69 -5.16 -19.55 7.12
CA VAL B 69 -4.65 -20.66 7.99
C VAL B 69 -4.72 -21.99 7.23
N GLY B 70 -5.82 -22.33 6.59
CA GLY B 70 -5.93 -23.61 5.88
C GLY B 70 -4.96 -23.69 4.71
N ALA B 71 -4.76 -22.57 4.00
CA ALA B 71 -3.88 -22.51 2.79
C ALA B 71 -2.41 -22.73 3.22
N ILE B 72 -1.98 -22.08 4.29
CA ILE B 72 -0.58 -22.34 4.76
C ILE B 72 -0.51 -23.77 5.32
N SER B 73 -1.53 -24.21 6.06
CA SER B 73 -1.50 -25.53 6.75
C SER B 73 -1.33 -26.67 5.73
N ALA B 74 -2.00 -26.53 4.60
CA ALA B 74 -2.06 -27.52 3.50
C ALA B 74 -0.67 -27.70 2.88
N MET B 75 0.25 -26.76 3.06
CA MET B 75 1.64 -26.89 2.52
C MET B 75 2.50 -27.80 3.42
N GLY B 76 2.05 -28.13 4.63
CA GLY B 76 2.76 -29.05 5.53
C GLY B 76 3.93 -28.39 6.24
N VAL B 77 3.90 -27.07 6.40
CA VAL B 77 5.04 -26.30 6.97
C VAL B 77 4.71 -25.83 8.40
N LEU B 78 3.51 -26.10 8.93
CA LEU B 78 3.17 -25.58 10.29
C LEU B 78 3.24 -26.70 11.35
N GLU B 79 3.83 -26.37 12.49
CA GLU B 79 3.88 -27.22 13.71
C GLU B 79 2.49 -27.32 14.33
N PRO B 80 2.02 -28.51 14.75
CA PRO B 80 0.78 -28.66 15.49
C PRO B 80 0.79 -27.87 16.79
N VAL B 81 -0.30 -27.18 17.11
CA VAL B 81 -0.42 -26.34 18.35
C VAL B 81 -1.65 -26.74 19.17
N ASP B 82 -2.15 -27.98 19.05
CA ASP B 82 -3.24 -28.52 19.94
C ASP B 82 -2.83 -28.36 21.41
N ASP B 83 -1.56 -28.63 21.78
CA ASP B 83 -1.10 -28.54 23.20
C ASP B 83 -1.31 -27.10 23.73
N VAL B 84 -0.93 -26.08 22.97
CA VAL B 84 -1.08 -24.65 23.38
C VAL B 84 -2.58 -24.34 23.59
N LEU B 85 -3.46 -24.81 22.71
CA LEU B 85 -4.89 -24.47 22.74
C LEU B 85 -5.54 -25.20 23.90
N GLU B 86 -5.14 -26.44 24.18
CA GLU B 86 -5.56 -27.18 25.41
C GLU B 86 -5.18 -26.34 26.63
N ALA B 87 -3.94 -25.86 26.71
CA ALA B 87 -3.44 -25.02 27.84
C ALA B 87 -4.25 -23.71 27.95
N LEU B 88 -4.87 -23.23 26.86
CA LEU B 88 -5.66 -21.97 26.90
C LEU B 88 -7.14 -22.26 27.23
N GLY B 89 -7.56 -23.54 27.33
CA GLY B 89 -8.93 -23.95 27.72
C GLY B 89 -9.70 -24.70 26.62
N GLY B 90 -9.08 -24.96 25.47
CA GLY B 90 -9.60 -25.92 24.49
C GLY B 90 -10.73 -25.33 23.65
N GLU B 91 -11.49 -26.20 23.00
CA GLU B 91 -12.59 -25.84 22.06
C GLU B 91 -13.56 -24.85 22.71
N LYS B 92 -13.76 -25.01 24.02
CA LYS B 92 -14.82 -24.28 24.75
C LYS B 92 -14.37 -22.85 25.01
N ALA B 93 -13.07 -22.50 24.88
CA ALA B 93 -12.59 -21.14 25.16
C ALA B 93 -12.90 -20.21 23.98
N TYR B 94 -13.45 -20.73 22.89
CA TYR B 94 -13.49 -20.03 21.59
C TYR B 94 -14.90 -20.13 20.97
N LEU B 95 -15.39 -19.00 20.44
CA LEU B 95 -16.49 -18.93 19.44
C LEU B 95 -16.24 -20.04 18.41
N PRO B 96 -17.22 -20.90 18.08
CA PRO B 96 -17.04 -21.93 17.05
C PRO B 96 -16.38 -21.44 15.77
N ALA B 97 -16.71 -20.23 15.33
CA ALA B 97 -16.20 -19.64 14.06
C ALA B 97 -14.70 -19.38 14.22
N VAL B 98 -14.29 -18.94 15.42
CA VAL B 98 -12.86 -18.71 15.76
C VAL B 98 -12.13 -20.06 15.82
N TRP B 99 -12.66 -21.05 16.54
CA TRP B 99 -12.12 -22.44 16.62
C TRP B 99 -11.86 -23.03 15.24
N ARG B 100 -12.74 -22.81 14.26
CA ARG B 100 -12.57 -23.32 12.87
C ARG B 100 -11.35 -22.70 12.18
N THR B 101 -10.86 -21.53 12.59
CA THR B 101 -9.70 -20.82 11.97
C THR B 101 -8.38 -21.36 12.56
N THR B 102 -8.42 -22.25 13.55
CA THR B 102 -7.22 -22.88 14.14
C THR B 102 -6.73 -24.03 13.22
N ARG B 103 -7.47 -24.40 12.19
CA ARG B 103 -7.02 -25.49 11.32
C ARG B 103 -7.59 -25.36 9.91
N LEU B 104 -6.99 -26.15 9.01
CA LEU B 104 -7.53 -26.49 7.69
C LEU B 104 -8.79 -27.30 7.96
N GLU B 105 -9.87 -27.01 7.24
CA GLU B 105 -11.14 -27.73 7.37
C GLU B 105 -10.88 -29.24 7.26
N GLY B 106 -11.31 -30.02 8.25
CA GLY B 106 -11.18 -31.49 8.24
C GLY B 106 -9.78 -31.99 8.61
N ALA B 107 -8.84 -31.13 8.98
CA ALA B 107 -7.54 -31.60 9.55
C ALA B 107 -7.74 -32.03 11.01
N ARG B 108 -7.03 -33.09 11.41
CA ARG B 108 -6.98 -33.59 12.82
C ARG B 108 -6.32 -32.50 13.70
N GLN B 109 -5.21 -31.93 13.26
CA GLN B 109 -4.37 -31.16 14.21
C GLN B 109 -4.57 -29.65 13.98
N ALA B 110 -4.69 -28.90 15.07
CA ALA B 110 -4.68 -27.42 15.04
C ALA B 110 -3.27 -26.96 14.65
N THR B 111 -3.19 -25.94 13.80
CA THR B 111 -1.95 -25.35 13.23
C THR B 111 -1.89 -23.82 13.44
N ALA B 112 -2.84 -23.21 14.14
CA ALA B 112 -2.72 -21.77 14.50
C ALA B 112 -3.46 -21.47 15.80
N VAL B 113 -3.00 -20.46 16.49
CA VAL B 113 -3.54 -19.96 17.78
C VAL B 113 -4.27 -18.65 17.54
N PRO B 114 -5.54 -18.52 17.99
CA PRO B 114 -6.30 -17.29 17.75
C PRO B 114 -5.67 -16.12 18.51
N TRP B 115 -5.47 -14.98 17.83
CA TRP B 115 -4.79 -13.82 18.42
C TRP B 115 -5.77 -12.68 18.57
N PHE B 116 -6.40 -12.28 17.48
CA PHE B 116 -7.48 -11.27 17.55
C PHE B 116 -8.53 -11.51 16.46
N SER B 117 -9.68 -10.90 16.72
CA SER B 117 -10.93 -10.94 15.94
C SER B 117 -11.22 -9.53 15.48
N GLU B 118 -11.90 -9.46 14.34
CA GLU B 118 -12.37 -8.21 13.74
C GLU B 118 -13.59 -8.59 12.91
N LEU B 119 -14.50 -7.62 12.80
CA LEU B 119 -15.63 -7.75 11.86
C LEU B 119 -15.92 -6.36 11.33
N ARG B 120 -16.66 -6.32 10.24
CA ARG B 120 -16.89 -5.08 9.48
C ARG B 120 -18.30 -4.55 9.82
N ALA B 121 -18.35 -3.21 9.97
CA ALA B 121 -19.55 -2.37 10.10
C ALA B 121 -19.34 -1.07 9.32
N PHE B 122 -20.34 -0.20 9.27
CA PHE B 122 -20.24 1.09 8.58
C PHE B 122 -19.99 2.22 9.58
N TYR B 123 -18.84 2.89 9.46
CA TYR B 123 -18.56 4.21 10.08
C TYR B 123 -19.27 5.25 9.25
N TYR B 124 -19.92 6.21 9.91
CA TYR B 124 -20.54 7.33 9.20
C TYR B 124 -20.29 8.63 10.00
N ARG B 125 -20.43 9.74 9.30
CA ARG B 125 -20.33 11.11 9.86
C ARG B 125 -21.68 11.50 10.44
N THR B 126 -21.82 11.51 11.75
CA THR B 126 -23.04 11.96 12.43
C THR B 126 -23.46 13.36 11.92
N ASP B 127 -22.54 14.31 11.77
CA ASP B 127 -22.89 15.70 11.35
C ASP B 127 -23.40 15.67 9.91
N ALA B 128 -22.84 14.82 9.05
CA ALA B 128 -23.28 14.72 7.64
C ALA B 128 -24.66 14.07 7.59
N LEU B 129 -24.90 12.96 8.28
CA LEU B 129 -26.21 12.27 8.08
C LEU B 129 -27.30 13.18 8.65
N LYS B 130 -26.99 13.92 9.73
CA LYS B 130 -27.97 14.88 10.33
C LYS B 130 -28.26 16.02 9.35
N ALA B 131 -27.28 16.63 8.71
CA ALA B 131 -27.52 17.77 7.79
C ALA B 131 -28.29 17.29 6.57
N ALA B 132 -28.15 16.00 6.21
CA ALA B 132 -28.78 15.42 5.00
C ALA B 132 -30.21 14.98 5.33
N GLY B 133 -30.59 15.04 6.61
CA GLY B 133 -31.86 14.52 7.12
C GLY B 133 -31.93 13.00 7.03
N VAL B 134 -30.84 12.27 7.25
CA VAL B 134 -30.85 10.78 7.14
C VAL B 134 -31.01 10.16 8.53
N ASN B 135 -31.93 9.21 8.64
CA ASN B 135 -32.17 8.38 9.85
C ASN B 135 -31.20 7.21 9.76
N PRO B 136 -30.09 7.19 10.54
CA PRO B 136 -29.09 6.13 10.42
C PRO B 136 -29.76 4.75 10.56
N ALA B 137 -30.72 4.60 11.47
CA ALA B 137 -31.43 3.33 11.70
C ALA B 137 -32.13 2.86 10.43
N GLU B 138 -32.73 3.72 9.61
CA GLU B 138 -33.38 3.25 8.34
C GLU B 138 -32.32 3.11 7.24
N MET B 139 -31.28 3.95 7.20
CA MET B 139 -30.23 3.80 6.17
C MET B 139 -29.53 2.43 6.31
N PHE B 140 -29.17 2.00 7.52
CA PHE B 140 -28.37 0.78 7.72
C PHE B 140 -29.29 -0.39 8.06
N ALA B 141 -30.61 -0.29 7.82
CA ALA B 141 -31.53 -1.42 8.11
C ALA B 141 -31.69 -2.31 6.87
N SER B 142 -31.59 -1.78 5.64
CA SER B 142 -31.95 -2.56 4.44
C SER B 142 -31.20 -2.02 3.22
N TRP B 143 -31.14 -2.80 2.14
CA TRP B 143 -30.55 -2.31 0.87
C TRP B 143 -31.26 -1.05 0.40
N GLN B 144 -32.59 -1.09 0.35
CA GLN B 144 -33.45 0.04 -0.07
C GLN B 144 -33.04 1.27 0.73
N GLY B 145 -33.01 1.12 2.07
CA GLY B 145 -32.65 2.22 2.99
C GLY B 145 -31.25 2.73 2.73
N PHE B 146 -30.32 1.80 2.54
CA PHE B 146 -28.89 2.12 2.29
C PHE B 146 -28.82 3.02 1.06
N GLU B 147 -29.51 2.60 0.00
CA GLU B 147 -29.52 3.35 -1.29
C GLU B 147 -30.17 4.73 -1.14
N ALA B 148 -31.32 4.81 -0.45
CA ALA B 148 -32.04 6.09 -0.23
C ALA B 148 -31.15 7.08 0.57
N GLY B 149 -30.47 6.60 1.63
CA GLY B 149 -29.56 7.42 2.44
C GLY B 149 -28.44 8.00 1.61
N LEU B 150 -27.83 7.15 0.77
CA LEU B 150 -26.74 7.61 -0.12
C LEU B 150 -27.28 8.69 -1.09
N ALA B 151 -28.49 8.53 -1.64
CA ALA B 151 -29.08 9.51 -2.59
C ALA B 151 -29.23 10.86 -1.86
N ARG B 152 -29.69 10.85 -0.60
CA ARG B 152 -29.80 12.07 0.24
C ARG B 152 -28.41 12.65 0.48
N LEU B 153 -27.40 11.82 0.78
CA LEU B 153 -26.04 12.34 1.06
C LEU B 153 -25.49 12.99 -0.22
N LYS B 154 -25.76 12.44 -1.41
CA LYS B 154 -25.30 13.04 -2.68
C LYS B 154 -26.00 14.38 -2.93
N ALA B 155 -27.30 14.50 -2.63
CA ALA B 155 -28.10 15.73 -2.88
C ALA B 155 -27.77 16.80 -1.83
N SER B 156 -27.26 16.44 -0.65
CA SER B 156 -27.01 17.34 0.51
C SER B 156 -26.05 18.42 0.05
N SER B 157 -26.24 19.64 0.54
CA SER B 157 -25.30 20.76 0.34
C SER B 157 -24.35 20.83 1.54
N PHE B 158 -24.28 19.81 2.39
CA PHE B 158 -23.36 19.82 3.57
C PHE B 158 -21.92 19.87 3.06
N ARG B 159 -21.09 20.69 3.72
CA ARG B 159 -19.63 20.83 3.42
C ARG B 159 -18.85 20.55 4.72
N ASP B 160 -17.80 19.73 4.67
CA ASP B 160 -16.95 19.50 5.86
C ASP B 160 -16.40 20.84 6.35
N PRO B 161 -16.50 21.18 7.64
CA PRO B 161 -16.06 22.51 8.08
C PRO B 161 -14.56 22.81 7.89
N GLU B 162 -13.71 21.79 7.71
CA GLU B 162 -12.24 21.93 7.49
C GLU B 162 -11.96 22.01 5.99
N THR B 163 -12.45 21.04 5.21
CA THR B 163 -12.20 20.94 3.75
C THR B 163 -12.95 22.02 2.99
N LYS B 164 -14.09 22.48 3.52
CA LYS B 164 -15.04 23.42 2.88
C LYS B 164 -15.60 22.81 1.60
N ALA B 165 -15.72 21.50 1.55
CA ALA B 165 -16.03 20.72 0.33
C ALA B 165 -17.03 19.63 0.69
N PRO B 166 -17.89 19.22 -0.26
CA PRO B 166 -18.80 18.11 -0.05
C PRO B 166 -18.04 16.84 0.34
N LEU B 167 -18.77 15.90 0.93
CA LEU B 167 -18.31 14.54 1.25
C LEU B 167 -18.89 13.57 0.22
N ALA B 168 -18.07 12.72 -0.37
CA ALA B 168 -18.54 11.49 -1.05
C ALA B 168 -19.52 10.76 -0.14
N PRO B 169 -20.68 10.33 -0.65
CA PRO B 169 -21.59 9.53 0.17
C PRO B 169 -21.00 8.22 0.70
N LEU B 170 -20.28 7.48 -0.16
CA LEU B 170 -19.63 6.21 0.21
C LEU B 170 -18.26 6.12 -0.44
N CYS B 171 -17.28 5.69 0.36
CA CYS B 171 -15.94 5.32 -0.14
C CYS B 171 -15.71 3.84 0.11
N THR B 172 -15.26 3.14 -0.92
CA THR B 172 -14.83 1.72 -0.81
C THR B 172 -13.63 1.50 -1.72
N PRO B 173 -12.61 0.74 -1.28
CA PRO B 173 -11.41 0.48 -2.07
C PRO B 173 -11.64 -0.42 -3.28
N GLY B 174 -11.16 -0.01 -4.47
CA GLY B 174 -11.30 -0.81 -5.70
C GLY B 174 -10.06 -1.63 -6.07
N LYS B 175 -8.94 -1.40 -5.40
CA LYS B 175 -7.69 -2.10 -5.81
C LYS B 175 -6.78 -2.45 -4.65
N ASN B 176 -5.95 -3.47 -4.88
CA ASN B 176 -4.80 -3.86 -4.01
C ASN B 176 -5.13 -4.40 -2.62
N SER B 177 -6.34 -4.36 -2.12
CA SER B 177 -6.54 -4.88 -0.76
C SER B 177 -7.34 -6.17 -0.82
N TRP B 178 -7.13 -6.96 0.22
CA TRP B 178 -7.88 -8.20 0.45
C TRP B 178 -9.32 -7.78 0.74
N ASP B 179 -9.51 -6.51 1.13
CA ASP B 179 -10.83 -5.92 1.44
C ASP B 179 -11.67 -5.68 0.15
N VAL B 180 -11.09 -5.74 -1.05
CA VAL B 180 -11.90 -5.73 -2.29
C VAL B 180 -12.80 -6.99 -2.25
N LEU B 181 -12.28 -8.11 -1.73
CA LEU B 181 -13.11 -9.32 -1.48
C LEU B 181 -13.98 -9.12 -0.24
N HIS B 182 -13.40 -8.68 0.89
CA HIS B 182 -14.15 -8.68 2.18
C HIS B 182 -15.34 -7.69 2.14
N ASN B 183 -15.22 -6.63 1.34
CA ASN B 183 -16.26 -5.57 1.22
C ASN B 183 -17.37 -5.98 0.20
N ALA B 184 -17.09 -6.87 -0.73
CA ALA B 184 -18.11 -7.43 -1.66
C ALA B 184 -18.88 -8.57 -0.98
N ALA B 185 -18.22 -9.32 -0.11
CA ALA B 185 -18.77 -10.54 0.53
C ALA B 185 -20.16 -10.29 1.15
N PRO B 186 -20.39 -9.28 2.00
CA PRO B 186 -21.72 -9.04 2.60
C PRO B 186 -22.85 -8.89 1.58
N TRP B 187 -22.56 -8.32 0.41
CA TRP B 187 -23.59 -8.04 -0.60
C TRP B 187 -23.90 -9.35 -1.29
N ILE B 188 -22.86 -10.11 -1.60
CA ILE B 188 -23.04 -11.45 -2.21
C ILE B 188 -23.88 -12.30 -1.25
N TRP B 189 -23.48 -12.40 -0.01
CA TRP B 189 -24.15 -13.25 0.99
C TRP B 189 -25.59 -12.79 1.24
N GLY B 190 -25.81 -11.49 1.37
CA GLY B 190 -27.12 -10.83 1.54
C GLY B 190 -28.13 -11.17 0.45
N ALA B 191 -27.65 -11.37 -0.79
CA ALA B 191 -28.54 -11.78 -1.91
C ALA B 191 -28.77 -13.30 -1.89
N GLY B 192 -28.21 -14.02 -0.90
CA GLY B 192 -28.27 -15.49 -0.76
C GLY B 192 -27.21 -16.18 -1.58
N GLY B 193 -26.18 -15.43 -2.00
CA GLY B 193 -25.01 -15.93 -2.72
C GLY B 193 -23.89 -16.36 -1.78
N GLU B 194 -22.75 -16.75 -2.35
CA GLU B 194 -21.53 -17.11 -1.58
C GLU B 194 -20.33 -17.03 -2.53
N ILE B 195 -19.12 -17.17 -1.98
CA ILE B 195 -17.88 -17.07 -2.78
C ILE B 195 -17.62 -18.45 -3.37
N VAL B 196 -17.73 -19.46 -2.53
CA VAL B 196 -17.55 -20.87 -3.00
C VAL B 196 -18.73 -21.70 -2.49
N ARG B 197 -18.87 -22.89 -3.07
CA ARG B 197 -19.97 -23.87 -2.84
C ARG B 197 -19.40 -25.29 -2.96
N GLN B 198 -19.89 -26.22 -2.15
CA GLN B 198 -19.43 -27.63 -2.14
C GLN B 198 -20.45 -28.47 -2.91
N ALA B 199 -20.09 -29.04 -4.07
CA ALA B 199 -20.93 -30.01 -4.83
C ALA B 199 -20.18 -30.60 -6.03
N GLY B 200 -20.66 -31.71 -6.60
CA GLY B 200 -19.92 -32.50 -7.61
C GLY B 200 -18.69 -33.14 -6.99
N GLY B 201 -18.73 -33.38 -5.67
CA GLY B 201 -17.62 -33.94 -4.85
C GLY B 201 -16.68 -32.88 -4.29
N ARG B 202 -16.64 -31.67 -4.88
CA ARG B 202 -15.50 -30.71 -4.81
C ARG B 202 -15.95 -29.34 -4.26
N TRP B 203 -15.04 -28.38 -4.15
CA TRP B 203 -15.39 -26.95 -3.91
C TRP B 203 -15.27 -26.23 -5.26
N GLN B 204 -16.20 -25.34 -5.58
CA GLN B 204 -16.08 -24.48 -6.79
C GLN B 204 -16.50 -23.05 -6.45
N SER B 205 -16.14 -22.14 -7.33
CA SER B 205 -16.60 -20.72 -7.30
C SER B 205 -18.11 -20.71 -7.41
N ALA B 206 -18.75 -19.85 -6.64
CA ALA B 206 -20.18 -19.51 -6.76
C ALA B 206 -20.33 -18.02 -7.09
N LEU B 207 -19.24 -17.28 -7.39
CA LEU B 207 -19.33 -15.83 -7.69
C LEU B 207 -20.14 -15.59 -8.97
N ASN B 208 -20.39 -16.63 -9.77
CA ASN B 208 -21.21 -16.53 -11.01
C ASN B 208 -22.61 -17.14 -10.81
N SER B 209 -23.01 -17.50 -9.58
CA SER B 209 -24.39 -17.94 -9.25
C SER B 209 -25.32 -16.76 -9.48
N PRO B 210 -26.60 -16.98 -9.87
CA PRO B 210 -27.55 -15.87 -9.98
C PRO B 210 -27.56 -14.93 -8.76
N GLU B 211 -27.58 -15.48 -7.53
CA GLU B 211 -27.72 -14.64 -6.29
C GLU B 211 -26.43 -13.85 -6.05
N SER B 212 -25.27 -14.45 -6.28
CA SER B 212 -23.96 -13.75 -6.15
C SER B 212 -23.91 -12.57 -7.11
N LEU B 213 -24.29 -12.76 -8.36
CA LEU B 213 -24.32 -11.65 -9.35
C LEU B 213 -25.28 -10.54 -8.89
N GLU B 214 -26.47 -10.91 -8.36
CA GLU B 214 -27.47 -9.93 -7.87
C GLU B 214 -26.81 -9.05 -6.79
N GLY B 215 -26.19 -9.66 -5.78
CA GLY B 215 -25.61 -8.89 -4.66
C GLY B 215 -24.42 -8.05 -5.11
N LEU B 216 -23.55 -8.66 -5.89
CA LEU B 216 -22.35 -7.96 -6.39
C LEU B 216 -22.79 -6.80 -7.28
N TYR B 217 -23.78 -7.03 -8.16
CA TYR B 217 -24.26 -5.94 -9.06
C TYR B 217 -24.87 -4.79 -8.25
N PHE B 218 -25.63 -5.07 -7.21
CA PHE B 218 -26.23 -4.00 -6.39
C PHE B 218 -25.12 -3.16 -5.79
N PHE B 219 -24.12 -3.80 -5.19
CA PHE B 219 -22.93 -3.12 -4.62
C PHE B 219 -22.28 -2.23 -5.69
N LEU B 220 -21.90 -2.80 -6.84
CA LEU B 220 -21.20 -2.05 -7.94
C LEU B 220 -22.04 -0.89 -8.45
N SER B 221 -23.36 -1.03 -8.46
CA SER B 221 -24.29 -0.01 -9.04
C SER B 221 -24.34 1.21 -8.12
N LEU B 222 -23.90 1.12 -6.87
CA LEU B 222 -23.87 2.31 -6.00
C LEU B 222 -22.81 3.28 -6.54
N ALA B 223 -21.75 2.71 -7.12
CA ALA B 223 -20.70 3.48 -7.80
C ALA B 223 -21.21 4.00 -9.16
N GLN B 224 -21.95 3.16 -9.89
CA GLN B 224 -22.58 3.52 -11.19
C GLN B 224 -23.46 4.76 -10.99
N LYS B 225 -24.13 4.89 -9.84
CA LYS B 225 -25.15 5.94 -9.59
C LYS B 225 -24.48 7.20 -9.01
N GLY B 226 -23.17 7.21 -8.83
CA GLY B 226 -22.46 8.42 -8.34
C GLY B 226 -22.36 8.46 -6.81
N TYR B 227 -22.68 7.39 -6.09
CA TYR B 227 -22.59 7.41 -4.60
C TYR B 227 -21.15 7.21 -4.14
N VAL B 228 -20.33 6.55 -4.96
CA VAL B 228 -18.87 6.33 -4.77
C VAL B 228 -18.18 7.12 -5.85
N PRO B 229 -17.23 8.02 -5.54
CA PRO B 229 -16.51 8.72 -6.60
C PRO B 229 -15.54 7.79 -7.37
N ALA B 230 -15.36 8.01 -8.67
CA ALA B 230 -14.42 7.30 -9.57
C ALA B 230 -13.06 7.09 -8.89
N GLU B 231 -12.46 8.15 -8.37
CA GLU B 231 -11.13 8.12 -7.68
C GLU B 231 -11.08 6.97 -6.66
N SER B 232 -12.15 6.74 -5.88
CA SER B 232 -12.20 5.70 -4.81
C SER B 232 -11.95 4.31 -5.39
N LEU B 233 -12.35 4.08 -6.67
CA LEU B 233 -12.32 2.73 -7.31
C LEU B 233 -10.87 2.32 -7.64
N GLU B 234 -9.92 3.25 -7.63
CA GLU B 234 -8.49 2.94 -7.92
C GLU B 234 -7.71 2.84 -6.61
N LYS B 235 -8.35 3.05 -5.44
CA LYS B 235 -7.63 3.25 -4.16
C LYS B 235 -7.64 1.95 -3.36
N ASN B 236 -6.80 1.85 -2.35
CA ASN B 236 -6.68 0.65 -1.47
C ASN B 236 -7.30 1.01 -0.13
N THR B 237 -7.31 0.09 0.81
CA THR B 237 -7.96 0.22 2.15
C THR B 237 -7.40 1.43 2.88
N ALA B 238 -6.07 1.50 2.99
CA ALA B 238 -5.38 2.54 3.81
C ALA B 238 -5.79 3.94 3.30
N GLN B 239 -5.86 4.13 1.99
CA GLN B 239 -6.22 5.41 1.33
C GLN B 239 -7.66 5.79 1.67
N ILE B 240 -8.58 4.80 1.61
CA ILE B 240 -10.01 5.05 1.92
C ILE B 240 -10.07 5.46 3.40
N GLU B 241 -9.38 4.72 4.29
CA GLU B 241 -9.27 5.14 5.71
C GLU B 241 -8.77 6.59 5.73
N ALA B 242 -7.72 6.89 4.98
CA ALA B 242 -7.10 8.24 5.05
C ALA B 242 -8.12 9.25 4.53
N ASP B 243 -8.90 8.89 3.49
CA ASP B 243 -9.89 9.84 2.91
C ASP B 243 -10.97 10.14 3.96
N PHE B 244 -11.42 9.11 4.67
CA PHE B 244 -12.44 9.31 5.73
C PHE B 244 -11.86 10.24 6.81
N GLN B 245 -10.64 9.96 7.28
CA GLN B 245 -10.03 10.71 8.38
C GLN B 245 -9.95 12.17 7.96
N ALA B 246 -9.59 12.43 6.69
CA ALA B 246 -9.40 13.78 6.13
C ALA B 246 -10.73 14.51 5.91
N GLY B 247 -11.89 13.89 6.12
CA GLY B 247 -13.20 14.59 6.01
C GLY B 247 -13.73 14.60 4.58
N LYS B 248 -13.36 13.59 3.79
CA LYS B 248 -13.75 13.45 2.35
C LYS B 248 -14.87 12.40 2.10
N CYS B 249 -15.23 11.57 3.08
CA CYS B 249 -16.23 10.48 2.93
C CYS B 249 -17.24 10.54 4.08
N ALA B 250 -18.53 10.39 3.76
CA ALA B 250 -19.66 10.35 4.71
C ALA B 250 -19.75 8.97 5.36
N VAL B 251 -19.43 7.92 4.63
CA VAL B 251 -19.65 6.51 5.04
C VAL B 251 -18.54 5.63 4.43
N PHE B 252 -18.05 4.68 5.21
CA PHE B 252 -17.20 3.59 4.69
C PHE B 252 -17.24 2.39 5.64
N ALA B 253 -16.97 1.22 5.06
CA ALA B 253 -16.93 -0.06 5.78
C ALA B 253 -15.52 -0.30 6.32
N SER B 254 -15.44 -0.66 7.62
CA SER B 254 -14.16 -0.96 8.32
C SER B 254 -14.41 -1.73 9.61
N GLY B 255 -13.32 -1.92 10.37
CA GLY B 255 -13.21 -2.82 11.52
C GLY B 255 -13.16 -1.96 12.77
N PRO B 256 -13.17 -2.61 13.94
CA PRO B 256 -13.22 -1.88 15.21
C PRO B 256 -11.97 -1.02 15.47
N TRP B 257 -10.90 -1.22 14.70
CA TRP B 257 -9.61 -0.52 14.96
C TRP B 257 -9.75 1.01 14.81
N MET B 258 -10.66 1.45 13.96
CA MET B 258 -10.77 2.89 13.60
C MET B 258 -11.23 3.65 14.83
N ILE B 259 -11.96 2.99 15.74
CA ILE B 259 -12.34 3.59 17.05
C ILE B 259 -11.10 4.02 17.85
N GLN B 260 -10.12 3.12 18.01
CA GLN B 260 -8.82 3.38 18.70
C GLN B 260 -8.11 4.55 18.00
N ARG B 261 -8.05 4.53 16.67
CA ARG B 261 -7.40 5.59 15.87
C ARG B 261 -8.04 6.95 16.16
N ALA B 262 -9.37 6.98 16.29
CA ALA B 262 -10.13 8.23 16.46
C ALA B 262 -9.80 8.88 17.82
N GLN B 263 -9.22 8.13 18.75
CA GLN B 263 -8.93 8.60 20.14
C GLN B 263 -7.46 9.04 20.25
N VAL B 264 -6.68 8.97 19.18
CA VAL B 264 -5.19 9.13 19.25
C VAL B 264 -4.75 10.24 18.29
N PRO B 265 -3.74 11.10 18.62
CA PRO B 265 -3.36 12.20 17.72
C PRO B 265 -2.70 11.72 16.41
N GLU B 266 -2.71 12.58 15.37
CA GLU B 266 -2.06 12.33 14.04
C GLU B 266 -0.60 11.91 14.26
N ALA B 267 0.10 12.50 15.21
CA ALA B 267 1.53 12.17 15.51
C ALA B 267 1.67 10.67 15.81
N LYS B 268 0.62 10.00 16.35
CA LYS B 268 0.70 8.58 16.75
C LYS B 268 -0.09 7.74 15.75
N GLY B 269 -0.33 8.29 14.55
CA GLY B 269 -1.01 7.58 13.45
C GLY B 269 -2.53 7.53 13.60
N GLY B 270 -3.11 8.40 14.45
CA GLY B 270 -4.57 8.53 14.61
C GLY B 270 -5.12 9.80 13.98
N PHE B 271 -6.34 10.22 14.36
CA PHE B 271 -7.02 11.38 13.75
C PHE B 271 -7.93 12.07 14.77
N ALA B 272 -7.58 12.03 16.05
CA ALA B 272 -8.37 12.66 17.13
C ALA B 272 -8.62 14.17 16.83
N GLU B 273 -7.73 14.85 16.12
CA GLU B 273 -7.87 16.30 15.85
C GLU B 273 -8.79 16.54 14.62
N ARG B 274 -9.22 15.51 13.90
CA ARG B 274 -10.05 15.68 12.68
C ARG B 274 -11.53 15.80 13.06
N THR B 275 -12.27 16.56 12.27
CA THR B 275 -13.75 16.71 12.36
C THR B 275 -14.35 15.30 12.44
N ALA B 276 -13.90 14.37 11.62
CA ALA B 276 -14.52 13.04 11.53
C ALA B 276 -14.46 12.30 12.88
N ALA B 277 -13.43 12.50 13.70
CA ALA B 277 -13.27 11.78 14.99
C ALA B 277 -14.26 12.32 16.03
N LYS B 278 -14.63 13.61 15.89
CA LYS B 278 -15.58 14.32 16.75
C LYS B 278 -17.03 14.07 16.27
N ASN B 279 -17.22 13.37 15.16
CA ASN B 279 -18.55 13.19 14.52
C ASN B 279 -18.69 11.75 14.03
N LEU B 280 -18.32 10.80 14.88
CA LEU B 280 -18.14 9.38 14.45
C LEU B 280 -19.34 8.56 14.88
N GLY B 281 -19.99 7.93 13.89
CA GLY B 281 -21.02 6.91 14.17
C GLY B 281 -20.64 5.59 13.58
N VAL B 282 -21.19 4.50 14.13
CA VAL B 282 -21.09 3.11 13.60
C VAL B 282 -22.51 2.57 13.47
N ALA B 283 -22.81 1.88 12.38
CA ALA B 283 -24.07 1.11 12.20
C ALA B 283 -23.68 -0.23 11.56
N PRO B 284 -24.39 -1.32 11.87
CA PRO B 284 -24.12 -2.58 11.20
C PRO B 284 -24.46 -2.54 9.70
N TYR B 285 -24.02 -3.57 8.99
CA TYR B 285 -24.42 -3.84 7.59
C TYR B 285 -25.94 -4.00 7.57
N PRO B 286 -26.61 -3.56 6.50
CA PRO B 286 -28.03 -3.77 6.36
C PRO B 286 -28.34 -5.23 5.99
N ALA B 287 -29.52 -5.68 6.39
CA ALA B 287 -30.18 -6.88 5.85
C ALA B 287 -30.25 -6.79 4.33
N GLY B 288 -29.79 -7.80 3.62
CA GLY B 288 -30.17 -8.02 2.21
C GLY B 288 -31.49 -8.78 2.10
N PRO B 289 -31.99 -9.01 0.87
CA PRO B 289 -33.22 -9.76 0.65
C PRO B 289 -33.23 -11.19 1.24
N LYS B 290 -32.10 -11.89 1.34
CA LYS B 290 -32.07 -13.27 1.91
C LYS B 290 -31.33 -13.32 3.25
N GLY B 291 -30.82 -12.22 3.75
CA GLY B 291 -30.15 -12.35 5.06
C GLY B 291 -29.37 -11.13 5.44
N ARG B 292 -28.84 -11.14 6.67
CA ARG B 292 -27.99 -10.05 7.18
C ARG B 292 -26.64 -10.67 7.52
N TYR B 293 -25.60 -10.22 6.84
CA TYR B 293 -24.23 -10.76 6.98
C TYR B 293 -23.21 -9.61 7.03
N THR B 294 -22.12 -9.86 7.76
CA THR B 294 -20.89 -9.07 7.60
C THR B 294 -19.72 -10.04 7.60
N PHE B 295 -18.61 -9.58 7.07
CA PHE B 295 -17.30 -10.29 7.17
C PHE B 295 -16.86 -10.27 8.65
N PHE B 296 -16.59 -11.45 9.15
CA PHE B 296 -15.95 -11.74 10.45
C PHE B 296 -14.62 -12.47 10.18
N GLY B 297 -13.52 -11.93 10.68
CA GLY B 297 -12.17 -12.47 10.49
C GLY B 297 -11.28 -12.22 11.69
N GLY B 298 -10.05 -11.85 11.37
CA GLY B 298 -8.99 -11.54 12.36
C GLY B 298 -7.71 -12.25 11.94
N SER B 299 -6.85 -12.53 12.94
CA SER B 299 -5.51 -13.10 12.74
C SER B 299 -5.21 -14.07 13.88
N ASN B 300 -4.52 -15.13 13.51
CA ASN B 300 -4.02 -16.21 14.40
C ASN B 300 -2.48 -16.13 14.36
N LEU B 301 -1.81 -16.90 15.20
CA LEU B 301 -0.33 -17.01 15.21
C LEU B 301 0.04 -18.48 14.90
N ALA B 302 1.02 -18.70 14.01
CA ALA B 302 1.43 -20.05 13.57
C ALA B 302 2.95 -20.21 13.74
N LEU B 303 3.36 -21.47 13.97
CA LEU B 303 4.77 -21.82 14.22
C LEU B 303 5.25 -22.68 13.06
N PHE B 304 6.24 -22.21 12.33
CA PHE B 304 6.84 -23.00 11.24
C PHE B 304 7.55 -24.22 11.84
N ASN B 305 7.39 -25.38 11.21
CA ASN B 305 7.92 -26.68 11.70
C ASN B 305 9.45 -26.73 11.54
N PHE B 306 10.05 -25.71 10.91
CA PHE B 306 11.53 -25.56 10.80
C PHE B 306 12.07 -24.57 11.81
N SER B 307 11.26 -24.08 12.74
CA SER B 307 11.77 -23.25 13.86
C SER B 307 12.76 -24.09 14.72
N LYS B 308 13.81 -23.41 15.21
CA LYS B 308 14.89 -23.96 16.07
C LYS B 308 14.57 -23.70 17.53
N ASN B 309 13.51 -22.95 17.84
CA ASN B 309 13.15 -22.62 19.25
C ASN B 309 11.69 -22.99 19.49
N LYS B 310 11.27 -24.20 19.16
CA LYS B 310 9.83 -24.59 19.23
C LYS B 310 9.26 -24.49 20.66
N PRO B 311 9.91 -25.06 21.71
CA PRO B 311 9.34 -24.99 23.07
C PRO B 311 9.18 -23.53 23.54
N LEU B 312 10.11 -22.65 23.20
CA LEU B 312 10.07 -21.23 23.64
C LEU B 312 8.96 -20.51 22.84
N ALA B 313 8.84 -20.76 21.54
CA ALA B 313 7.84 -20.11 20.68
C ALA B 313 6.43 -20.52 21.14
N LYS B 314 6.25 -21.78 21.55
CA LYS B 314 4.99 -22.29 22.16
C LYS B 314 4.68 -21.60 23.48
N GLU B 315 5.66 -21.34 24.32
CA GLU B 315 5.48 -20.50 25.53
C GLU B 315 4.99 -19.12 25.08
N LEU B 316 5.51 -18.57 23.98
CA LEU B 316 5.12 -17.20 23.54
C LEU B 316 3.69 -17.25 23.00
N LEU B 317 3.31 -18.30 22.25
CA LEU B 317 1.92 -18.47 21.72
C LEU B 317 0.97 -18.54 22.91
N LYS B 318 1.34 -19.27 23.98
CA LYS B 318 0.43 -19.42 25.15
C LYS B 318 0.28 -18.03 25.80
N TYR B 319 1.34 -17.25 25.87
CA TYR B 319 1.30 -15.88 26.43
C TYR B 319 0.36 -14.98 25.59
N LEU B 320 0.56 -14.91 24.28
CA LEU B 320 -0.20 -14.04 23.36
C LEU B 320 -1.66 -14.49 23.25
N GLY B 321 -1.95 -15.80 23.32
CA GLY B 321 -3.31 -16.37 23.24
C GLY B 321 -4.06 -16.28 24.58
N GLY B 322 -3.37 -15.87 25.63
CA GLY B 322 -3.86 -15.94 27.02
C GLY B 322 -4.52 -14.62 27.45
N PRO B 323 -5.32 -14.66 28.55
CA PRO B 323 -6.23 -13.58 28.91
C PRO B 323 -5.59 -12.19 28.98
N GLU B 324 -4.45 -12.06 29.63
CA GLU B 324 -3.85 -10.74 29.95
C GLU B 324 -3.39 -10.07 28.63
N ALA B 325 -2.60 -10.76 27.81
CA ALA B 325 -2.09 -10.24 26.52
C ALA B 325 -3.25 -10.07 25.52
N GLN B 326 -4.29 -10.90 25.63
CA GLN B 326 -5.51 -10.81 24.77
C GLN B 326 -6.11 -9.42 24.94
N VAL B 327 -6.25 -8.97 26.19
CA VAL B 327 -6.87 -7.68 26.61
C VAL B 327 -5.95 -6.53 26.21
N ARG B 328 -4.69 -6.54 26.61
CA ARG B 328 -3.70 -5.47 26.30
C ARG B 328 -3.58 -5.29 24.78
N TYR B 329 -3.43 -6.33 23.98
CA TYR B 329 -3.22 -6.15 22.53
C TYR B 329 -4.50 -5.57 21.89
N ALA B 330 -5.68 -6.04 22.30
CA ALA B 330 -6.99 -5.53 21.79
C ALA B 330 -7.12 -4.06 22.17
N GLN B 331 -6.66 -3.67 23.35
CA GLN B 331 -6.67 -2.24 23.74
C GLN B 331 -5.72 -1.44 22.82
N MET B 332 -4.51 -1.93 22.52
CA MET B 332 -3.51 -1.14 21.75
C MET B 332 -3.97 -1.07 20.27
N THR B 333 -4.61 -2.12 19.77
CA THR B 333 -4.94 -2.24 18.34
C THR B 333 -6.35 -1.76 18.05
N GLY B 334 -7.26 -1.79 19.03
CA GLY B 334 -8.72 -1.61 18.85
C GLY B 334 -9.38 -2.82 18.16
N MET B 335 -8.71 -3.95 18.09
CA MET B 335 -9.32 -5.25 17.68
C MET B 335 -10.03 -5.89 18.89
N LEU B 336 -10.82 -6.93 18.63
CA LEU B 336 -11.52 -7.69 19.66
C LEU B 336 -10.62 -8.85 20.00
N PRO B 337 -10.50 -9.22 21.30
CA PRO B 337 -9.81 -10.43 21.68
C PRO B 337 -10.38 -11.63 20.92
N ALA B 338 -9.52 -12.59 20.59
CA ALA B 338 -9.88 -13.91 20.05
C ALA B 338 -10.38 -14.83 21.17
N LEU B 339 -9.85 -14.71 22.39
CA LEU B 339 -10.33 -15.50 23.56
C LEU B 339 -11.70 -14.94 24.02
N ARG B 340 -12.76 -15.74 23.87
CA ARG B 340 -14.20 -15.34 23.97
C ARG B 340 -14.39 -14.70 25.35
N SER B 341 -13.86 -15.32 26.39
CA SER B 341 -14.01 -14.84 27.78
C SER B 341 -13.63 -13.36 27.87
N ALA B 342 -12.61 -12.89 27.13
CA ALA B 342 -12.07 -11.51 27.26
C ALA B 342 -13.01 -10.45 26.67
N TRP B 343 -14.05 -10.83 25.90
CA TRP B 343 -15.09 -9.87 25.43
C TRP B 343 -15.80 -9.19 26.59
N SER B 344 -15.91 -9.93 27.73
CA SER B 344 -16.67 -9.54 28.95
C SER B 344 -15.81 -8.64 29.83
N ASP B 345 -14.51 -8.50 29.57
CA ASP B 345 -13.62 -7.54 30.29
C ASP B 345 -14.26 -6.16 30.23
N PRO B 346 -14.32 -5.42 31.37
CA PRO B 346 -15.14 -4.21 31.45
C PRO B 346 -14.61 -3.06 30.57
N SER B 347 -13.31 -3.03 30.28
CA SER B 347 -12.65 -2.06 29.37
C SER B 347 -13.34 -2.03 27.99
N PHE B 348 -14.02 -3.12 27.57
CA PHE B 348 -14.71 -3.19 26.25
C PHE B 348 -16.23 -2.88 26.35
N GLN B 349 -16.75 -2.77 27.55
CA GLN B 349 -18.20 -2.66 27.85
C GLN B 349 -18.59 -1.19 27.84
N GLN B 350 -17.63 -0.27 27.93
CA GLN B 350 -17.88 1.18 28.21
C GLN B 350 -17.97 1.94 26.89
N ASN B 351 -17.41 1.41 25.81
CA ASN B 351 -17.27 2.17 24.55
C ASN B 351 -18.51 1.90 23.71
N PRO B 352 -19.32 2.94 23.48
CA PRO B 352 -20.58 2.83 22.73
C PRO B 352 -20.43 2.37 21.27
N LEU B 353 -19.43 2.89 20.56
CA LEU B 353 -19.16 2.45 19.17
C LEU B 353 -18.67 1.01 19.18
N LEU B 354 -17.85 0.64 20.16
CA LEU B 354 -17.32 -0.73 20.22
C LEU B 354 -18.47 -1.71 20.49
N ARG B 355 -19.40 -1.29 21.33
CA ARG B 355 -20.59 -2.13 21.68
C ARG B 355 -21.36 -2.42 20.39
N THR B 356 -21.44 -1.47 19.47
CA THR B 356 -22.09 -1.70 18.15
C THR B 356 -21.42 -2.87 17.43
N PHE B 357 -20.07 -2.93 17.47
CA PHE B 357 -19.32 -4.03 16.79
C PHE B 357 -19.60 -5.35 17.51
N ILE B 358 -19.47 -5.35 18.82
CA ILE B 358 -19.68 -6.59 19.62
C ILE B 358 -21.05 -7.19 19.26
N GLN B 359 -22.09 -6.39 19.37
CA GLN B 359 -23.51 -6.83 19.26
C GLN B 359 -23.83 -7.11 17.78
N ALA B 360 -23.02 -6.65 16.80
CA ALA B 360 -23.18 -7.00 15.36
C ALA B 360 -22.58 -8.40 15.00
N ALA B 361 -21.97 -9.08 15.97
CA ALA B 361 -21.19 -10.32 15.70
C ALA B 361 -22.12 -11.47 15.30
N GLN B 362 -23.41 -11.44 15.63
CA GLN B 362 -24.31 -12.57 15.30
C GLN B 362 -24.51 -12.62 13.78
N PHE B 363 -24.27 -11.51 13.07
CA PHE B 363 -24.38 -11.44 11.60
C PHE B 363 -23.05 -11.83 10.93
N GLY B 364 -21.98 -11.99 11.73
CA GLY B 364 -20.64 -12.28 11.22
C GLY B 364 -20.56 -13.60 10.46
N ARG B 365 -19.96 -13.59 9.25
CA ARG B 365 -19.74 -14.82 8.48
C ARG B 365 -18.29 -14.86 7.98
N THR B 366 -17.74 -16.04 7.73
CA THR B 366 -16.42 -16.12 7.09
C THR B 366 -16.35 -17.29 6.12
N TYR B 367 -15.18 -17.41 5.48
CA TYR B 367 -14.98 -18.36 4.36
C TYR B 367 -14.60 -19.71 4.97
N PRO B 368 -14.90 -20.82 4.28
CA PRO B 368 -14.45 -22.11 4.75
C PRO B 368 -12.92 -22.10 4.68
N SER B 369 -12.30 -22.86 5.57
CA SER B 369 -10.82 -22.90 5.79
C SER B 369 -10.15 -23.83 4.76
N LEU B 370 -10.03 -23.39 3.50
CA LEU B 370 -9.68 -24.27 2.35
C LEU B 370 -8.20 -24.14 1.94
N ALA B 371 -7.62 -25.23 1.46
CA ALA B 371 -6.25 -25.35 0.89
C ALA B 371 -6.00 -24.30 -0.23
N GLY B 372 -6.98 -24.02 -1.07
CA GLY B 372 -6.73 -23.09 -2.19
C GLY B 372 -6.96 -21.60 -1.85
N TRP B 373 -7.19 -21.28 -0.58
CA TRP B 373 -7.84 -20.01 -0.22
C TRP B 373 -6.94 -18.82 -0.58
N GLY B 374 -5.64 -18.92 -0.38
CA GLY B 374 -4.70 -17.86 -0.79
C GLY B 374 -4.91 -17.46 -2.27
N GLY B 375 -4.97 -18.45 -3.14
CA GLY B 375 -5.18 -18.22 -4.59
C GLY B 375 -6.54 -17.60 -4.82
N VAL B 376 -7.57 -18.12 -4.15
CA VAL B 376 -8.96 -17.61 -4.30
C VAL B 376 -8.96 -16.09 -3.97
N GLU B 377 -8.31 -15.67 -2.89
CA GLU B 377 -8.29 -14.24 -2.48
C GLU B 377 -7.54 -13.40 -3.52
N ASN B 378 -6.35 -13.81 -3.97
CA ASN B 378 -5.59 -13.09 -5.04
C ASN B 378 -6.45 -12.94 -6.30
N LEU B 379 -7.11 -14.01 -6.74
CA LEU B 379 -7.86 -13.99 -8.01
C LEU B 379 -9.11 -13.17 -7.81
N ALA B 380 -9.70 -13.26 -6.61
CA ALA B 380 -10.91 -12.50 -6.27
C ALA B 380 -10.56 -11.00 -6.29
N VAL B 381 -9.47 -10.59 -5.64
CA VAL B 381 -9.01 -9.16 -5.62
C VAL B 381 -8.78 -8.68 -7.06
N GLN B 382 -8.14 -9.50 -7.89
CA GLN B 382 -7.81 -9.15 -9.29
C GLN B 382 -9.11 -8.94 -10.06
N HIS B 383 -10.01 -9.92 -10.01
CA HIS B 383 -11.22 -9.94 -10.88
C HIS B 383 -12.27 -8.96 -10.37
N LEU B 384 -12.36 -8.78 -9.06
CA LEU B 384 -13.34 -7.82 -8.52
C LEU B 384 -12.85 -6.40 -8.83
N GLY B 385 -11.52 -6.19 -8.79
CA GLY B 385 -10.94 -4.90 -9.17
C GLY B 385 -11.24 -4.62 -10.63
N MET B 386 -11.31 -5.65 -11.48
CA MET B 386 -11.68 -5.44 -12.92
C MET B 386 -13.19 -5.10 -13.02
N ALA B 387 -14.03 -5.54 -12.07
CA ALA B 387 -15.48 -5.19 -12.11
C ALA B 387 -15.62 -3.69 -11.80
N TRP B 388 -14.87 -3.23 -10.81
CA TRP B 388 -14.82 -1.79 -10.45
C TRP B 388 -14.36 -0.99 -11.66
N ASP B 389 -13.43 -1.54 -12.45
CA ASP B 389 -12.92 -0.91 -13.72
C ASP B 389 -14.08 -0.69 -14.69
N LEU B 390 -14.97 -1.68 -14.86
CA LEU B 390 -16.16 -1.55 -15.73
C LEU B 390 -16.92 -0.28 -15.32
N VAL B 391 -16.98 0.04 -14.02
CA VAL B 391 -17.73 1.24 -13.56
C VAL B 391 -16.97 2.50 -13.96
N ALA B 392 -15.69 2.61 -13.60
CA ALA B 392 -14.83 3.76 -14.00
C ALA B 392 -15.02 4.05 -15.51
N GLN B 393 -15.23 3.02 -16.36
CA GLN B 393 -15.32 3.12 -17.84
C GLN B 393 -16.77 3.39 -18.31
N GLY B 394 -17.79 3.38 -17.45
CA GLY B 394 -19.19 3.42 -17.95
C GLY B 394 -19.59 2.18 -18.76
N ARG B 395 -19.01 1.01 -18.46
CA ARG B 395 -19.24 -0.25 -19.21
C ARG B 395 -19.92 -1.30 -18.29
N LEU B 396 -20.39 -0.94 -17.09
CA LEU B 396 -21.06 -1.92 -16.19
C LEU B 396 -22.46 -2.28 -16.69
N THR B 397 -22.64 -3.54 -17.05
CA THR B 397 -23.93 -4.18 -17.44
C THR B 397 -23.98 -5.53 -16.73
N ARG B 398 -25.13 -6.15 -16.74
CA ARG B 398 -25.35 -7.40 -16.02
C ARG B 398 -24.62 -8.50 -16.77
N GLU B 399 -24.71 -8.50 -18.10
CA GLU B 399 -23.95 -9.45 -18.99
C GLU B 399 -22.42 -9.29 -18.79
N ALA B 400 -21.89 -8.08 -18.77
CA ALA B 400 -20.46 -7.81 -18.63
C ALA B 400 -20.00 -8.33 -17.25
N LEU B 401 -20.79 -8.09 -16.20
CA LEU B 401 -20.46 -8.60 -14.86
C LEU B 401 -20.47 -10.12 -14.92
N LYS B 402 -21.49 -10.73 -15.51
CA LYS B 402 -21.60 -12.21 -15.58
C LYS B 402 -20.39 -12.77 -16.31
N ASP B 403 -20.04 -12.20 -17.48
CA ASP B 403 -18.89 -12.71 -18.28
C ASP B 403 -17.61 -12.67 -17.41
N LEU B 404 -17.37 -11.57 -16.71
CA LEU B 404 -16.20 -11.32 -15.83
C LEU B 404 -16.20 -12.32 -14.67
N MET B 405 -17.33 -12.55 -14.01
CA MET B 405 -17.41 -13.50 -12.87
C MET B 405 -17.35 -14.97 -13.35
N ASP B 406 -17.72 -15.24 -14.61
CA ASP B 406 -17.50 -16.59 -15.21
C ASP B 406 -16.01 -16.80 -15.40
N LYS B 407 -15.27 -15.80 -15.85
CA LYS B 407 -13.77 -15.91 -15.96
C LYS B 407 -13.12 -16.00 -14.57
N ALA B 408 -13.55 -15.21 -13.59
CA ALA B 408 -13.03 -15.30 -12.21
C ALA B 408 -13.27 -16.72 -11.73
N SER B 409 -14.41 -17.30 -12.08
CA SER B 409 -14.85 -18.63 -11.57
C SER B 409 -13.97 -19.70 -12.19
N ALA B 410 -13.65 -19.58 -13.47
CA ALA B 410 -12.78 -20.55 -14.17
C ALA B 410 -11.45 -20.62 -13.41
N ALA B 411 -10.83 -19.45 -13.20
CA ALA B 411 -9.51 -19.30 -12.56
C ALA B 411 -9.57 -19.78 -11.10
N ILE B 412 -10.64 -19.46 -10.38
CA ILE B 412 -10.78 -19.84 -8.95
C ILE B 412 -10.91 -21.36 -8.89
N ASN B 413 -11.60 -21.96 -9.85
CA ASN B 413 -11.73 -23.44 -9.90
C ASN B 413 -10.33 -24.06 -10.07
N GLN B 414 -9.49 -23.51 -10.95
CA GLN B 414 -8.08 -23.99 -11.09
C GLN B 414 -7.38 -23.98 -9.71
N ALA B 415 -7.45 -22.87 -8.98
CA ALA B 415 -6.72 -22.63 -7.71
C ALA B 415 -7.23 -23.59 -6.64
N LEU B 416 -8.49 -24.03 -6.70
CA LEU B 416 -9.08 -24.97 -5.70
C LEU B 416 -8.65 -26.42 -6.00
N ARG B 417 -8.17 -26.70 -7.21
CA ARG B 417 -7.55 -28.01 -7.56
C ARG B 417 -6.08 -28.06 -7.07
N HIS B 418 -5.35 -26.96 -7.15
CA HIS B 418 -3.88 -26.94 -6.94
C HIS B 418 -3.31 -25.51 -6.94
N HIS B 419 -2.06 -25.37 -6.49
CA HIS B 419 -1.35 -24.12 -6.06
C HIS B 419 -0.48 -23.57 -7.21
C1 GLC C . 8.41 4.79 -3.40
C2 GLC C . 7.27 5.51 -4.18
C3 GLC C . 7.68 6.64 -5.12
C4 GLC C . 8.88 7.37 -4.58
C5 GLC C . 10.01 6.39 -4.30
C6 GLC C . 11.25 7.07 -3.71
O1 GLC C . 8.58 3.51 -3.91
O2 GLC C . 6.41 4.55 -4.85
O3 GLC C . 6.60 7.60 -5.20
O4 GLC C . 9.30 8.29 -5.56
O5 GLC C . 9.72 5.34 -3.39
O6 GLC C . 10.96 7.61 -2.45
C2 BGC C . 10.09 10.50 -6.05
C3 BGC C . 9.72 11.99 -5.92
C4 BGC C . 8.23 12.27 -6.14
C5 BGC C . 7.38 11.29 -5.37
C6 BGC C . 5.89 11.43 -5.67
C1 BGC C . 9.10 9.65 -5.29
O2 BGC C . 11.36 10.29 -5.46
O3 BGC C . 10.51 12.77 -6.83
O4 BGC C . 7.93 13.63 -5.80
O5 BGC C . 7.79 9.94 -5.71
O6 BGC C . 5.64 11.36 -7.10
C1 GLC D . -6.24 -4.42 6.97
C2 GLC D . -6.19 -5.37 5.75
C3 GLC D . -7.16 -6.51 5.88
C4 GLC D . -7.11 -7.13 7.26
C5 GLC D . -7.43 -6.12 8.31
C6 GLC D . -7.46 -6.71 9.73
O1 GLC D . -7.19 -3.44 6.71
O2 GLC D . -6.38 -4.66 4.54
O3 GLC D . -6.76 -7.48 4.91
O4 GLC D . -8.10 -8.11 7.33
O5 GLC D . -6.53 -5.02 8.25
O6 GLC D . -6.22 -7.29 10.18
C2 BGC D . -8.69 -10.30 7.96
C3 BGC D . -8.34 -11.78 7.86
C4 BGC D . -8.05 -12.13 6.43
C5 BGC D . -7.02 -11.15 5.81
C6 BGC D . -6.76 -11.29 4.30
C1 BGC D . -7.62 -9.44 7.33
O2 BGC D . -8.83 -9.89 9.32
O3 BGC D . -9.43 -12.57 8.37
O4 BGC D . -7.54 -13.42 6.50
O5 BGC D . -7.42 -9.80 5.97
O6 BGC D . -7.85 -11.98 3.67
CL CL E . 7.47 16.53 -18.63
CL CL F . 2.10 3.02 -1.00
S SO3 G . -12.78 11.12 -16.73
O1 SO3 G . -12.17 11.38 -15.40
O2 SO3 G . -12.61 9.64 -16.94
O3 SO3 G . -11.80 11.73 -17.69
C1 EDO H . -4.77 19.95 -26.64
O1 EDO H . -3.76 19.98 -27.63
C2 EDO H . -5.98 19.18 -27.03
O2 EDO H . -6.76 18.78 -25.91
C1 PEG I . 21.56 21.84 -16.34
O1 PEG I . 22.95 22.03 -16.13
C2 PEG I . 21.24 20.45 -16.82
O2 PEG I . 19.99 19.98 -16.32
C3 PEG I . 20.00 19.62 -14.93
C4 PEG I . 20.96 18.49 -14.61
O4 PEG I . 21.63 18.68 -13.35
CL CL J . -18.54 -18.05 1.14
S SO2 K . -28.33 -3.72 -18.03
O1 SO2 K . -28.75 -4.83 -18.84
O2 SO2 K . -27.37 -4.06 -17.04
C1 EDO L . -5.58 -28.14 -14.01
O1 EDO L . -6.33 -27.00 -14.42
C2 EDO L . -6.22 -28.84 -12.85
O2 EDO L . -5.53 -29.97 -12.27
C1 EDO M . -5.26 0.04 14.69
O1 EDO M . -5.47 0.85 15.84
C2 EDO M . -5.01 0.80 13.45
O2 EDO M . -5.07 0.03 12.26
C1 EDO N . -5.37 13.78 8.04
O1 EDO N . -5.74 13.51 6.70
C2 EDO N . -6.03 12.89 9.05
O2 EDO N . -5.38 11.66 9.31
#